data_4WYK
#
_entry.id   4WYK
#
_cell.length_a   48.046
_cell.length_b   83.972
_cell.length_c   108.233
_cell.angle_alpha   108.69
_cell.angle_beta   99.76
_cell.angle_gamma   97.51
#
_symmetry.space_group_name_H-M   'P 1'
#
loop_
_entity.id
_entity.type
_entity.pdbx_description
1 polymer 'Nuclear RNA export factor 1'
2 polymer 'NTF2-related export protein 1'
#
loop_
_entity_poly.entity_id
_entity_poly.type
_entity_poly.pdbx_seq_one_letter_code
_entity_poly.pdbx_strand_id
1 'polypeptide(L)'
;SVRRDRAPPERGGAGTSQDGTSKNWFKITIPYGRKYDKAWLLSMIQSKCSVPFTPIEFHYENTRAQFFVEDASTASALKA
VNYKILDRENRRISIIINSSAPPHTILNELKPEQVEQLKLIMSKRYDGSQQALDLKGLRSDPDLVAQNIDVVLNRRSCMA
ATLRIIEENIPELLSLNLSNNRLYRLDDMSSIVQKAPNLKILNLSGNELKSERELDKIKGLKLEELWLDGNSLCDTFRDQ
STYISAIRERFPKLLRLDGHELPPPIAFDVEAPTTLPPCKGSYFGTENLKSLVLHFLQQYYAIYDSGDRQGLLDAYHDGA
CCSLSIPFIPQNPARSSLAEYFKDSRNVKKLKDPTLRFRLLKHTRLNVVAFLNELPKTQHDVNSFVVDISAQTSTLLCFS
VNGVFKEVDGKSRDSLRAFTRTFIAVPASNSGLCIVNDELFVRNASSEEIQRAFAMPAPTP
;
A,C
2 'polypeptide(L)'
;ASVDFKTYVDQACRAAEEFVNVYYTTMDKRRRLLSRLYMGTATLVWNGNAVSGQESLSEFFEMLPSSEFQISVVDCQPVH
DEATPSQTTVLVVICGSVKFEGNKQRDFNQNFILTAQASPSNTVWKIASDCFRFQDWAS
;
B,D
#
# COMPACT_ATOMS: atom_id res chain seq x y z
N GLU A 109 -30.15 -40.92 24.94
CA GLU A 109 -31.18 -41.60 25.72
C GLU A 109 -30.71 -42.98 26.17
N LEU A 110 -29.40 -43.17 26.21
CA LEU A 110 -28.81 -44.44 26.61
C LEU A 110 -28.32 -44.39 28.07
N LYS A 111 -28.50 -45.48 28.80
CA LYS A 111 -28.05 -45.55 30.18
C LYS A 111 -26.54 -45.31 30.24
N PRO A 112 -26.06 -44.62 31.30
CA PRO A 112 -24.61 -44.40 31.45
C PRO A 112 -23.77 -45.67 31.33
N GLU A 113 -24.28 -46.79 31.84
CA GLU A 113 -23.55 -48.05 31.76
C GLU A 113 -23.37 -48.44 30.29
N GLN A 114 -24.39 -48.20 29.48
CA GLN A 114 -24.29 -48.47 28.06
C GLN A 114 -23.24 -47.54 27.45
N VAL A 115 -23.16 -46.33 27.99
CA VAL A 115 -22.18 -45.35 27.52
C VAL A 115 -20.77 -45.82 27.90
N GLU A 116 -20.65 -46.43 29.07
CA GLU A 116 -19.38 -47.00 29.51
C GLU A 116 -19.00 -48.19 28.61
N GLN A 117 -19.98 -49.03 28.29
CA GLN A 117 -19.75 -50.14 27.36
C GLN A 117 -19.29 -49.61 26.01
N LEU A 118 -20.01 -48.63 25.49
CA LEU A 118 -19.64 -47.97 24.24
C LEU A 118 -18.21 -47.41 24.33
N LYS A 119 -17.89 -46.75 25.43
CA LYS A 119 -16.55 -46.25 25.70
C LYS A 119 -15.52 -47.38 25.60
N LEU A 120 -15.82 -48.51 26.26
CA LEU A 120 -14.95 -49.67 26.19
C LEU A 120 -14.77 -50.17 24.77
N ILE A 121 -15.88 -50.31 24.03
CA ILE A 121 -15.82 -50.76 22.64
C ILE A 121 -14.96 -49.81 21.81
N MET A 122 -15.14 -48.51 22.00
CA MET A 122 -14.32 -47.52 21.31
C MET A 122 -12.86 -47.69 21.69
N SER A 123 -12.59 -47.90 22.98
CA SER A 123 -11.22 -48.12 23.44
C SER A 123 -10.60 -49.36 22.79
N LYS A 124 -11.40 -50.41 22.63
CA LYS A 124 -10.95 -51.62 21.93
C LYS A 124 -10.71 -51.32 20.45
N ARG A 125 -11.61 -50.57 19.85
CA ARG A 125 -11.53 -50.21 18.42
C ARG A 125 -10.43 -49.17 18.16
N TYR A 126 -10.06 -48.42 19.20
CA TYR A 126 -9.00 -47.42 19.09
C TYR A 126 -7.63 -48.09 18.92
N ASP A 127 -6.75 -47.41 18.20
CA ASP A 127 -5.37 -47.88 17.99
C ASP A 127 -4.40 -46.78 18.40
N GLY A 128 -3.53 -47.09 19.36
CA GLY A 128 -2.61 -46.11 19.91
C GLY A 128 -1.55 -45.66 18.94
N SER A 129 -0.87 -46.62 18.31
CA SER A 129 0.27 -46.33 17.44
C SER A 129 -0.13 -45.44 16.28
N GLN A 130 -1.26 -45.78 15.65
CA GLN A 130 -1.72 -45.06 14.46
C GLN A 130 -2.66 -43.91 14.84
N GLN A 131 -3.10 -43.91 16.09
CA GLN A 131 -4.07 -42.92 16.58
C GLN A 131 -5.33 -42.91 15.71
N ALA A 132 -5.74 -44.10 15.27
CA ALA A 132 -6.91 -44.27 14.42
C ALA A 132 -8.06 -44.91 15.18
N LEU A 133 -9.24 -44.30 15.09
CA LEU A 133 -10.45 -44.84 15.70
C LEU A 133 -11.39 -45.37 14.64
N ASP A 134 -11.68 -46.66 14.74
CA ASP A 134 -12.58 -47.34 13.82
C ASP A 134 -13.97 -47.36 14.43
N LEU A 135 -14.95 -46.83 13.72
CA LEU A 135 -16.35 -46.89 14.13
C LEU A 135 -17.18 -47.48 13.00
N LYS A 136 -16.54 -48.32 12.19
CA LYS A 136 -17.19 -48.94 11.04
C LYS A 136 -18.26 -49.92 11.47
N GLY A 137 -19.49 -49.69 11.01
CA GLY A 137 -20.61 -50.57 11.32
C GLY A 137 -20.78 -50.74 12.81
N LEU A 138 -20.96 -49.63 13.51
CA LEU A 138 -20.98 -49.65 14.96
C LEU A 138 -22.19 -50.43 15.48
N ARG A 139 -23.30 -50.35 14.76
CA ARG A 139 -24.51 -51.06 15.17
C ARG A 139 -24.32 -52.58 15.01
N SER A 140 -23.57 -52.97 13.99
CA SER A 140 -23.31 -54.39 13.71
C SER A 140 -22.27 -55.00 14.65
N ASP A 141 -21.63 -54.17 15.47
CA ASP A 141 -20.55 -54.62 16.34
C ASP A 141 -21.00 -55.78 17.24
N PRO A 142 -20.24 -56.90 17.24
CA PRO A 142 -20.66 -58.08 18.01
C PRO A 142 -20.89 -57.80 19.50
N ASP A 143 -19.99 -57.03 20.12
CA ASP A 143 -20.07 -56.76 21.56
C ASP A 143 -21.33 -55.99 21.90
N LEU A 144 -21.56 -54.87 21.21
CA LEU A 144 -22.74 -54.05 21.46
C LEU A 144 -24.04 -54.83 21.21
N VAL A 145 -24.04 -55.68 20.19
CA VAL A 145 -25.20 -56.51 19.90
C VAL A 145 -25.39 -57.57 20.99
N ALA A 146 -24.27 -58.13 21.46
CA ALA A 146 -24.31 -59.14 22.52
C ALA A 146 -24.76 -58.53 23.84
N GLN A 147 -24.33 -57.29 24.09
CA GLN A 147 -24.73 -56.56 25.28
C GLN A 147 -26.15 -56.01 25.15
N ASN A 148 -26.74 -56.20 23.97
CA ASN A 148 -28.08 -55.70 23.66
C ASN A 148 -28.12 -54.18 23.51
N ILE A 149 -26.95 -53.57 23.45
CA ILE A 149 -26.84 -52.14 23.21
C ILE A 149 -27.00 -51.84 21.71
N ASP A 150 -27.92 -50.94 21.40
CA ASP A 150 -28.15 -50.51 20.03
C ASP A 150 -27.73 -49.05 19.85
N VAL A 151 -26.74 -48.82 18.99
CA VAL A 151 -26.24 -47.47 18.73
C VAL A 151 -26.44 -47.12 17.26
N VAL A 152 -27.25 -46.09 17.01
CA VAL A 152 -27.55 -45.64 15.67
C VAL A 152 -26.91 -44.28 15.42
N LEU A 153 -25.83 -44.25 14.64
CA LEU A 153 -25.05 -43.03 14.48
C LEU A 153 -25.80 -41.97 13.66
N ASN A 154 -26.69 -42.41 12.76
CA ASN A 154 -27.44 -41.45 11.96
C ASN A 154 -28.43 -40.67 12.81
N ARG A 155 -28.81 -41.24 13.95
CA ARG A 155 -29.66 -40.55 14.91
C ARG A 155 -28.83 -39.48 15.63
N ARG A 156 -29.43 -38.33 15.90
CA ARG A 156 -28.69 -37.19 16.43
C ARG A 156 -28.20 -37.43 17.86
N SER A 157 -29.04 -38.05 18.69
CA SER A 157 -28.70 -38.26 20.10
C SER A 157 -27.45 -39.13 20.26
N CYS A 158 -27.49 -40.32 19.68
CA CYS A 158 -26.38 -41.27 19.78
C CYS A 158 -25.11 -40.65 19.22
N MET A 159 -25.26 -39.89 18.14
CA MET A 159 -24.14 -39.21 17.49
C MET A 159 -23.53 -38.20 18.46
N ALA A 160 -24.37 -37.33 19.00
CA ALA A 160 -23.95 -36.36 20.00
C ALA A 160 -23.19 -37.07 21.13
N ALA A 161 -23.78 -38.14 21.63
CA ALA A 161 -23.15 -38.93 22.69
C ALA A 161 -21.75 -39.41 22.32
N THR A 162 -21.64 -40.12 21.19
CA THR A 162 -20.33 -40.65 20.77
C THR A 162 -19.32 -39.51 20.59
N LEU A 163 -19.74 -38.41 19.96
CA LEU A 163 -18.85 -37.26 19.80
C LEU A 163 -18.38 -36.73 21.15
N ARG A 164 -19.31 -36.58 22.08
CA ARG A 164 -18.99 -36.13 23.43
C ARG A 164 -17.94 -37.04 24.04
N ILE A 165 -18.14 -38.35 23.90
CA ILE A 165 -17.16 -39.33 24.39
C ILE A 165 -15.78 -39.11 23.75
N ILE A 166 -15.76 -38.91 22.44
CA ILE A 166 -14.51 -38.63 21.73
C ILE A 166 -13.81 -37.44 22.38
N GLU A 167 -14.55 -36.36 22.59
CA GLU A 167 -14.01 -35.17 23.24
C GLU A 167 -13.48 -35.50 24.64
N GLU A 168 -14.31 -36.18 25.44
CA GLU A 168 -13.98 -36.46 26.83
C GLU A 168 -12.71 -37.29 26.99
N ASN A 169 -12.64 -38.47 26.38
CA ASN A 169 -11.48 -39.35 26.63
C ASN A 169 -10.21 -39.04 25.86
N ILE A 170 -10.30 -38.97 24.54
CA ILE A 170 -9.12 -38.83 23.69
C ILE A 170 -9.25 -37.67 22.68
N PRO A 171 -8.64 -36.51 23.00
CA PRO A 171 -8.62 -35.34 22.11
C PRO A 171 -7.42 -35.32 21.16
N GLU A 172 -6.55 -36.33 21.28
CA GLU A 172 -5.28 -36.36 20.55
C GLU A 172 -5.41 -37.06 19.21
N LEU A 173 -6.55 -37.72 19.01
CA LEU A 173 -6.77 -38.54 17.84
C LEU A 173 -6.65 -37.78 16.53
N LEU A 174 -5.97 -38.37 15.55
CA LEU A 174 -5.71 -37.73 14.28
C LEU A 174 -6.47 -38.39 13.10
N SER A 175 -7.10 -39.53 13.35
CA SER A 175 -7.79 -40.26 12.29
C SER A 175 -9.05 -40.97 12.76
N LEU A 176 -10.10 -40.91 11.95
CA LEU A 176 -11.40 -41.48 12.29
C LEU A 176 -12.05 -42.19 11.09
N ASN A 177 -12.89 -43.16 11.38
CA ASN A 177 -13.59 -43.93 10.36
C ASN A 177 -15.07 -44.11 10.69
N LEU A 178 -15.94 -43.56 9.84
CA LEU A 178 -17.39 -43.62 10.06
C LEU A 178 -18.09 -44.32 8.90
N SER A 179 -17.40 -45.29 8.29
CA SER A 179 -17.94 -45.97 7.13
C SER A 179 -19.05 -46.99 7.45
N ASN A 180 -19.98 -47.16 6.50
CA ASN A 180 -21.03 -48.17 6.58
C ASN A 180 -21.97 -48.00 7.77
N ASN A 181 -22.30 -46.75 8.11
CA ASN A 181 -23.21 -46.47 9.22
C ASN A 181 -24.51 -45.82 8.75
N ARG A 182 -24.64 -45.63 7.45
CA ARG A 182 -25.88 -45.15 6.84
C ARG A 182 -26.30 -43.77 7.35
N LEU A 183 -25.39 -42.80 7.31
CA LEU A 183 -25.74 -41.45 7.74
C LEU A 183 -26.26 -40.65 6.55
N TYR A 184 -27.51 -40.22 6.64
CA TYR A 184 -28.15 -39.39 5.63
C TYR A 184 -27.80 -37.91 5.82
N ARG A 185 -27.51 -37.53 7.06
CA ARG A 185 -27.34 -36.13 7.44
C ARG A 185 -26.04 -35.90 8.20
N LEU A 186 -25.35 -34.82 7.86
CA LEU A 186 -24.04 -34.53 8.43
C LEU A 186 -24.02 -33.35 9.39
N ASP A 187 -25.17 -32.73 9.60
CA ASP A 187 -25.22 -31.57 10.49
C ASP A 187 -25.09 -31.97 11.95
N ASP A 188 -25.66 -33.13 12.30
CA ASP A 188 -25.66 -33.60 13.69
C ASP A 188 -24.24 -33.80 14.21
N MET A 189 -23.28 -33.95 13.30
CA MET A 189 -21.88 -34.12 13.66
C MET A 189 -21.04 -32.88 13.34
N SER A 190 -21.71 -31.78 13.00
CA SER A 190 -21.04 -30.55 12.60
C SER A 190 -20.12 -30.02 13.71
N SER A 191 -20.37 -30.47 14.94
CA SER A 191 -19.57 -30.06 16.09
C SER A 191 -18.20 -30.73 16.08
N ILE A 192 -17.99 -31.69 15.20
CA ILE A 192 -16.77 -32.48 15.15
C ILE A 192 -15.52 -31.61 15.14
N VAL A 193 -15.64 -30.41 14.58
CA VAL A 193 -14.52 -29.47 14.50
C VAL A 193 -14.07 -29.10 15.91
N GLN A 194 -15.03 -28.93 16.82
CA GLN A 194 -14.74 -28.56 18.19
C GLN A 194 -14.33 -29.78 19.00
N LYS A 195 -15.03 -30.90 18.78
CA LYS A 195 -14.78 -32.14 19.51
C LYS A 195 -13.40 -32.72 19.21
N ALA A 196 -13.01 -32.70 17.93
CA ALA A 196 -11.73 -33.26 17.50
C ALA A 196 -11.05 -32.36 16.48
N PRO A 197 -10.49 -31.23 16.93
CA PRO A 197 -9.84 -30.28 16.02
C PRO A 197 -8.57 -30.85 15.38
N ASN A 198 -7.87 -31.68 16.13
CA ASN A 198 -6.59 -32.24 15.67
C ASN A 198 -6.77 -33.23 14.51
N LEU A 199 -8.00 -33.70 14.30
CA LEU A 199 -8.31 -34.71 13.28
C LEU A 199 -7.84 -34.33 11.88
N LYS A 200 -7.11 -35.25 11.24
CA LYS A 200 -6.54 -35.02 9.90
C LYS A 200 -7.00 -36.03 8.85
N ILE A 201 -7.74 -37.05 9.26
CA ILE A 201 -8.22 -38.08 8.34
C ILE A 201 -9.64 -38.49 8.67
N LEU A 202 -10.51 -38.47 7.66
CA LEU A 202 -11.91 -38.82 7.86
C LEU A 202 -12.39 -39.71 6.73
N ASN A 203 -13.15 -40.74 7.10
CA ASN A 203 -13.69 -41.69 6.14
C ASN A 203 -15.21 -41.81 6.31
N LEU A 204 -15.93 -41.48 5.25
CA LEU A 204 -17.39 -41.55 5.25
C LEU A 204 -17.91 -42.52 4.18
N SER A 205 -17.06 -43.45 3.77
CA SER A 205 -17.38 -44.35 2.65
C SER A 205 -18.50 -45.35 2.96
N GLY A 206 -19.32 -45.64 1.96
CA GLY A 206 -20.35 -46.67 2.07
C GLY A 206 -21.65 -46.19 2.68
N ASN A 207 -21.78 -44.89 2.86
CA ASN A 207 -22.92 -44.29 3.54
C ASN A 207 -24.00 -43.73 2.59
N GLU A 208 -25.04 -43.15 3.17
CA GLU A 208 -26.25 -42.77 2.46
C GLU A 208 -26.33 -41.31 1.99
N LEU A 209 -25.27 -40.54 2.20
CA LEU A 209 -25.27 -39.13 1.82
C LEU A 209 -25.60 -38.95 0.34
N LYS A 210 -26.56 -38.07 0.07
CA LYS A 210 -27.12 -37.95 -1.27
C LYS A 210 -26.54 -36.78 -2.07
N SER A 211 -26.00 -35.78 -1.36
CA SER A 211 -25.53 -34.56 -2.00
C SER A 211 -24.19 -34.07 -1.44
N GLU A 212 -23.48 -33.26 -2.22
CA GLU A 212 -22.19 -32.74 -1.81
C GLU A 212 -22.37 -31.70 -0.71
N ARG A 213 -23.50 -31.02 -0.72
CA ARG A 213 -23.77 -29.91 0.19
C ARG A 213 -23.56 -30.31 1.64
N GLU A 214 -23.85 -31.57 1.92
CA GLU A 214 -23.70 -32.13 3.27
C GLU A 214 -22.32 -31.82 3.84
N LEU A 215 -21.34 -31.64 2.97
CA LEU A 215 -19.96 -31.39 3.39
C LEU A 215 -19.76 -29.98 3.97
N ASP A 216 -20.60 -29.04 3.55
CA ASP A 216 -20.45 -27.64 3.97
C ASP A 216 -20.39 -27.51 5.48
N LYS A 217 -21.10 -28.40 6.16
CA LYS A 217 -21.21 -28.36 7.61
C LYS A 217 -19.98 -28.92 8.30
N ILE A 218 -19.19 -29.68 7.55
CA ILE A 218 -17.97 -30.28 8.07
C ILE A 218 -16.77 -29.53 7.50
N LYS A 219 -16.98 -28.29 7.10
CA LYS A 219 -15.99 -27.55 6.34
C LYS A 219 -14.82 -27.12 7.21
N GLY A 220 -15.13 -26.73 8.45
CA GLY A 220 -14.16 -26.12 9.34
C GLY A 220 -12.89 -26.93 9.52
N LEU A 221 -13.04 -28.18 9.92
CA LEU A 221 -11.89 -29.05 10.14
C LEU A 221 -11.05 -29.18 8.88
N LYS A 222 -9.75 -29.38 9.08
CA LYS A 222 -8.81 -29.58 7.99
C LYS A 222 -8.32 -31.02 7.94
N LEU A 223 -8.44 -31.63 6.75
CA LEU A 223 -8.04 -33.00 6.53
C LEU A 223 -7.00 -33.11 5.43
N GLU A 224 -6.05 -34.01 5.59
CA GLU A 224 -5.11 -34.33 4.54
C GLU A 224 -5.75 -35.38 3.64
N GLU A 225 -6.50 -36.30 4.26
CA GLU A 225 -7.13 -37.39 3.53
C GLU A 225 -8.62 -37.51 3.85
N LEU A 226 -9.42 -37.71 2.81
CA LEU A 226 -10.86 -37.89 2.95
C LEU A 226 -11.32 -39.04 2.05
N TRP A 227 -12.41 -39.70 2.46
CA TRP A 227 -12.98 -40.78 1.68
C TRP A 227 -14.50 -40.60 1.53
N LEU A 228 -14.95 -40.43 0.28
CA LEU A 228 -16.37 -40.35 -0.03
C LEU A 228 -16.80 -41.47 -0.98
N ASP A 229 -15.93 -42.47 -1.15
CA ASP A 229 -16.23 -43.57 -2.05
C ASP A 229 -17.49 -44.30 -1.59
N GLY A 230 -18.33 -44.72 -2.53
CA GLY A 230 -19.50 -45.52 -2.22
C GLY A 230 -20.76 -44.75 -1.88
N ASN A 231 -20.67 -43.43 -1.72
CA ASN A 231 -21.84 -42.60 -1.44
C ASN A 231 -22.63 -42.24 -2.70
N SER A 232 -23.90 -41.90 -2.50
CA SER A 232 -24.82 -41.61 -3.59
C SER A 232 -24.45 -40.33 -4.34
N LEU A 233 -23.70 -39.45 -3.69
CA LEU A 233 -23.35 -38.15 -4.26
C LEU A 233 -22.36 -38.27 -5.41
N CYS A 234 -21.49 -39.27 -5.35
CA CYS A 234 -20.44 -39.45 -6.36
C CYS A 234 -21.01 -39.69 -7.76
N ASP A 235 -22.24 -40.18 -7.82
CA ASP A 235 -22.84 -40.54 -9.09
C ASP A 235 -23.18 -39.33 -9.96
N THR A 236 -23.43 -38.19 -9.33
CA THR A 236 -23.91 -37.01 -10.05
C THR A 236 -22.80 -36.37 -10.89
N PHE A 237 -21.57 -36.43 -10.41
CA PHE A 237 -20.44 -35.79 -11.10
C PHE A 237 -20.07 -36.49 -12.41
N ARG A 238 -19.91 -35.70 -13.47
CA ARG A 238 -19.56 -36.21 -14.79
C ARG A 238 -18.09 -36.65 -14.84
N ASP A 239 -17.20 -35.71 -14.52
CA ASP A 239 -15.76 -35.94 -14.60
C ASP A 239 -15.14 -35.76 -13.21
N GLN A 240 -14.00 -36.41 -12.99
CA GLN A 240 -13.35 -36.35 -11.68
C GLN A 240 -12.89 -34.93 -11.38
N SER A 241 -12.73 -34.11 -12.41
CA SER A 241 -12.33 -32.72 -12.21
C SER A 241 -13.39 -31.99 -11.39
N THR A 242 -14.65 -32.15 -11.79
CA THR A 242 -15.77 -31.55 -11.08
C THR A 242 -15.86 -32.08 -9.66
N TYR A 243 -15.69 -33.38 -9.53
CA TYR A 243 -15.66 -34.05 -8.23
C TYR A 243 -14.63 -33.41 -7.33
N ILE A 244 -13.37 -33.46 -7.76
CA ILE A 244 -12.25 -32.93 -7.00
C ILE A 244 -12.43 -31.44 -6.66
N SER A 245 -12.83 -30.62 -7.61
CA SER A 245 -13.04 -29.20 -7.32
C SER A 245 -14.16 -29.06 -6.28
N ALA A 246 -15.25 -29.79 -6.48
CA ALA A 246 -16.40 -29.73 -5.57
C ALA A 246 -16.01 -30.11 -4.15
N ILE A 247 -15.21 -31.16 -3.99
CA ILE A 247 -14.72 -31.54 -2.68
C ILE A 247 -13.66 -30.55 -2.18
N ARG A 248 -12.84 -30.04 -3.08
CA ARG A 248 -11.75 -29.13 -2.72
C ARG A 248 -12.28 -27.81 -2.19
N GLU A 249 -13.40 -27.33 -2.72
CA GLU A 249 -14.00 -26.11 -2.21
C GLU A 249 -14.20 -26.17 -0.69
N ARG A 250 -14.63 -27.32 -0.19
CA ARG A 250 -14.85 -27.47 1.26
C ARG A 250 -13.53 -27.73 1.99
N PHE A 251 -12.65 -28.50 1.37
CA PHE A 251 -11.34 -28.82 1.95
C PHE A 251 -10.20 -28.53 0.97
N PRO A 252 -9.85 -27.23 0.79
CA PRO A 252 -8.75 -26.83 -0.08
C PRO A 252 -7.41 -27.46 0.28
N LYS A 253 -7.33 -28.00 1.48
CA LYS A 253 -6.06 -28.46 2.04
C LYS A 253 -5.72 -29.92 1.70
N LEU A 254 -6.72 -30.77 1.52
CA LEU A 254 -6.46 -32.21 1.46
C LEU A 254 -5.59 -32.62 0.28
N LEU A 255 -4.69 -33.56 0.57
CA LEU A 255 -3.74 -34.09 -0.40
C LEU A 255 -4.30 -35.33 -1.09
N ARG A 256 -5.09 -36.09 -0.34
CA ARG A 256 -5.59 -37.37 -0.82
C ARG A 256 -7.11 -37.44 -0.72
N LEU A 257 -7.71 -38.05 -1.75
CA LEU A 257 -9.15 -38.27 -1.77
C LEU A 257 -9.42 -39.66 -2.33
N ASP A 258 -10.12 -40.47 -1.54
CA ASP A 258 -10.47 -41.83 -1.93
C ASP A 258 -9.22 -42.65 -2.23
N GLY A 259 -8.17 -42.43 -1.46
CA GLY A 259 -6.95 -43.22 -1.57
C GLY A 259 -6.10 -42.85 -2.76
N HIS A 260 -6.53 -41.84 -3.51
CA HIS A 260 -5.82 -41.39 -4.69
C HIS A 260 -5.22 -40.00 -4.47
N GLU A 261 -3.90 -39.88 -4.67
CA GLU A 261 -3.22 -38.61 -4.53
C GLU A 261 -3.78 -37.59 -5.51
N LEU A 262 -3.77 -36.33 -5.10
CA LEU A 262 -4.36 -35.25 -5.89
C LEU A 262 -3.29 -34.30 -6.43
N PRO A 263 -3.67 -33.43 -7.37
CA PRO A 263 -2.76 -32.36 -7.77
C PRO A 263 -2.44 -31.48 -6.56
N PRO A 264 -1.27 -30.82 -6.55
CA PRO A 264 -0.94 -29.96 -5.41
C PRO A 264 -2.00 -28.90 -5.19
N PRO A 265 -2.48 -28.71 -3.94
CA PRO A 265 -3.44 -27.63 -3.70
C PRO A 265 -2.85 -26.27 -4.06
N ILE A 266 -3.70 -25.34 -4.50
CA ILE A 266 -3.25 -24.05 -5.01
C ILE A 266 -3.37 -22.93 -3.96
N ALA A 267 -2.21 -22.52 -3.45
CA ALA A 267 -2.14 -21.47 -2.43
C ALA A 267 -0.91 -20.60 -2.70
N PHE A 268 -1.07 -19.29 -2.50
CA PHE A 268 0.01 -18.34 -2.74
C PHE A 268 0.36 -17.57 -1.47
N ASP A 269 1.65 -17.57 -1.13
CA ASP A 269 2.13 -16.95 0.10
C ASP A 269 2.80 -15.60 -0.17
N VAL A 270 2.08 -14.52 0.12
CA VAL A 270 2.65 -13.17 0.02
C VAL A 270 3.85 -13.01 0.96
N GLU A 271 3.87 -13.82 2.01
CA GLU A 271 4.92 -13.78 3.03
C GLU A 271 4.97 -12.42 3.72
N ALA A 272 3.79 -11.90 4.05
CA ALA A 272 3.72 -10.68 4.84
C ALA A 272 4.32 -10.98 6.21
N PRO A 273 5.00 -9.99 6.82
CA PRO A 273 5.55 -10.23 8.16
C PRO A 273 4.53 -9.94 9.23
N THR A 274 4.66 -10.61 10.38
CA THR A 274 3.77 -10.38 11.50
C THR A 274 4.51 -10.21 12.83
N THR A 275 5.82 -10.42 12.80
CA THR A 275 6.62 -10.41 14.01
C THR A 275 7.28 -9.05 14.24
N LEU A 276 6.98 -8.44 15.39
CA LEU A 276 7.59 -7.17 15.77
C LEU A 276 8.96 -7.39 16.41
N PRO A 277 9.82 -6.36 16.36
CA PRO A 277 11.12 -6.50 17.03
C PRO A 277 10.97 -6.66 18.54
N PRO A 278 11.94 -7.30 19.20
CA PRO A 278 11.86 -7.41 20.65
C PRO A 278 12.02 -6.04 21.31
N CYS A 279 11.11 -5.68 22.20
CA CYS A 279 11.16 -4.39 22.87
C CYS A 279 12.31 -4.35 23.86
N LYS A 280 13.00 -3.20 23.89
CA LYS A 280 14.14 -2.97 24.76
C LYS A 280 13.81 -1.89 25.78
N GLY A 281 14.51 -1.88 26.90
CA GLY A 281 14.18 -0.93 27.94
C GLY A 281 14.56 0.51 27.66
N SER A 282 15.85 0.84 27.70
CA SER A 282 16.28 2.22 27.60
C SER A 282 17.51 2.37 26.75
N TYR A 283 17.48 3.39 25.90
CA TYR A 283 18.56 3.68 24.96
C TYR A 283 19.16 5.05 25.20
N PHE A 284 20.46 5.06 25.48
CA PHE A 284 21.21 6.32 25.66
C PHE A 284 22.26 6.50 24.58
N GLY A 285 22.46 5.46 23.77
CA GLY A 285 23.52 5.50 22.79
C GLY A 285 24.86 5.43 23.50
N THR A 286 25.60 6.54 23.48
CA THR A 286 26.87 6.59 24.20
C THR A 286 26.58 6.71 25.69
N GLU A 287 27.48 6.18 26.51
CA GLU A 287 27.30 6.17 27.96
C GLU A 287 27.30 7.59 28.57
N ASN A 288 28.03 8.51 27.94
CA ASN A 288 28.11 9.89 28.41
C ASN A 288 26.74 10.48 28.58
N LEU A 289 25.88 10.20 27.61
CA LEU A 289 24.52 10.70 27.64
C LEU A 289 23.76 9.99 28.76
N LYS A 290 24.06 8.72 29.02
CA LYS A 290 23.41 8.04 30.13
C LYS A 290 23.73 8.75 31.43
N SER A 291 25.03 8.87 31.74
CA SER A 291 25.44 9.52 32.99
C SER A 291 24.87 10.95 33.07
N LEU A 292 25.12 11.73 32.02
CA LEU A 292 24.70 13.13 31.98
C LEU A 292 23.17 13.29 32.12
N VAL A 293 22.43 12.62 31.25
CA VAL A 293 20.96 12.72 31.25
C VAL A 293 20.38 12.20 32.56
N LEU A 294 20.83 11.02 33.00
CA LEU A 294 20.33 10.47 34.26
C LEU A 294 20.58 11.43 35.41
N HIS A 295 21.83 11.88 35.56
CA HIS A 295 22.18 12.90 36.53
C HIS A 295 21.23 14.11 36.47
N PHE A 296 21.06 14.64 35.26
CA PHE A 296 20.13 15.73 35.00
C PHE A 296 18.72 15.40 35.52
N LEU A 297 18.26 14.19 35.23
CA LEU A 297 16.94 13.75 35.67
C LEU A 297 16.85 13.64 37.19
N GLN A 298 17.90 13.10 37.81
CA GLN A 298 17.96 13.01 39.27
C GLN A 298 17.75 14.40 39.86
N GLN A 299 18.60 15.34 39.44
CA GLN A 299 18.50 16.70 39.95
C GLN A 299 17.12 17.32 39.66
N TYR A 300 16.73 17.31 38.39
CA TYR A 300 15.46 17.91 37.97
C TYR A 300 14.31 17.40 38.84
N TYR A 301 14.17 16.07 38.93
CA TYR A 301 13.03 15.51 39.63
C TYR A 301 13.22 15.53 41.14
N ALA A 302 14.46 15.68 41.59
CA ALA A 302 14.71 15.97 43.00
C ALA A 302 14.12 17.33 43.38
N ILE A 303 14.38 18.34 42.54
CA ILE A 303 13.77 19.65 42.72
C ILE A 303 12.24 19.62 42.49
N TYR A 304 11.82 18.88 41.47
CA TYR A 304 10.40 18.80 41.10
C TYR A 304 9.52 18.21 42.20
N ASP A 305 10.05 17.22 42.92
CA ASP A 305 9.32 16.54 43.99
C ASP A 305 9.27 17.34 45.32
N SER A 306 10.12 18.35 45.45
CA SER A 306 10.27 19.08 46.72
C SER A 306 8.96 19.68 47.23
N GLY A 307 8.19 20.28 46.32
CA GLY A 307 6.96 20.96 46.68
C GLY A 307 7.09 22.43 46.33
N ASP A 308 8.32 22.94 46.42
CA ASP A 308 8.63 24.32 46.01
C ASP A 308 9.45 24.27 44.75
N ARG A 309 8.79 24.53 43.62
CA ARG A 309 9.35 24.26 42.30
C ARG A 309 10.22 25.41 41.78
N GLN A 310 10.40 26.45 42.59
CA GLN A 310 11.17 27.61 42.16
C GLN A 310 12.62 27.23 41.84
N GLY A 311 13.06 26.10 42.37
CA GLY A 311 14.39 25.61 42.06
C GLY A 311 14.59 25.31 40.58
N LEU A 312 13.50 25.11 39.84
CA LEU A 312 13.58 24.73 38.43
C LEU A 312 14.01 25.86 37.49
N LEU A 313 13.90 27.10 37.95
CA LEU A 313 14.16 28.26 37.08
C LEU A 313 15.60 28.25 36.57
N ASP A 314 16.50 27.58 37.29
CA ASP A 314 17.90 27.50 36.87
C ASP A 314 18.10 26.49 35.73
N ALA A 315 17.16 25.55 35.58
CA ALA A 315 17.23 24.51 34.55
C ALA A 315 16.68 24.95 33.18
N TYR A 316 15.57 25.69 33.20
CA TYR A 316 14.90 26.10 31.98
C TYR A 316 15.59 27.30 31.31
N HIS A 317 15.46 27.36 29.99
CA HIS A 317 15.98 28.46 29.20
C HIS A 317 15.03 29.64 29.28
N ASP A 318 15.51 30.80 28.88
CA ASP A 318 14.73 32.03 28.97
C ASP A 318 13.45 32.00 28.11
N GLY A 319 13.57 31.50 26.89
CA GLY A 319 12.43 31.45 25.98
C GLY A 319 11.73 30.10 25.97
N ALA A 320 11.97 29.32 27.02
CA ALA A 320 11.54 27.93 27.08
C ALA A 320 10.03 27.73 27.05
N CYS A 321 9.57 26.76 26.26
CA CYS A 321 8.14 26.46 26.14
C CYS A 321 7.78 25.15 26.85
N CYS A 322 6.61 25.13 27.49
CA CYS A 322 6.13 23.93 28.18
C CYS A 322 4.65 23.68 27.89
N SER A 323 4.27 22.42 27.71
CA SER A 323 2.85 22.08 27.51
C SER A 323 2.47 20.70 28.06
N LEU A 324 1.16 20.52 28.26
CA LEU A 324 0.61 19.33 28.90
C LEU A 324 -0.45 18.64 28.04
N SER A 325 -0.49 17.30 28.11
CA SER A 325 -1.50 16.51 27.37
C SER A 325 -1.97 15.26 28.13
N ILE A 326 -3.18 14.81 27.80
CA ILE A 326 -3.77 13.61 28.39
C ILE A 326 -4.57 12.81 27.35
N PRO A 327 -4.76 11.50 27.58
CA PRO A 327 -5.48 10.69 26.58
C PRO A 327 -6.95 11.07 26.44
N PHE A 328 -7.43 11.10 25.21
CA PHE A 328 -8.80 11.52 24.92
C PHE A 328 -9.76 10.50 25.51
N ILE A 329 -10.84 10.99 26.11
CA ILE A 329 -11.84 10.14 26.74
C ILE A 329 -13.13 10.14 25.93
N PRO A 333 -16.53 10.82 31.59
CA PRO A 333 -16.20 12.22 31.24
C PRO A 333 -15.78 13.05 32.46
N ALA A 334 -16.72 13.26 33.38
CA ALA A 334 -16.45 14.04 34.58
C ALA A 334 -15.86 13.19 35.70
N ARG A 335 -15.17 13.86 36.63
CA ARG A 335 -14.61 13.23 37.82
C ARG A 335 -13.61 12.12 37.49
N SER A 336 -13.08 12.12 36.27
CA SER A 336 -12.01 11.20 35.92
C SER A 336 -10.78 11.59 36.74
N SER A 337 -9.87 10.65 36.99
CA SER A 337 -8.67 10.96 37.76
C SER A 337 -7.86 12.04 37.05
N LEU A 338 -7.91 12.02 35.72
CA LEU A 338 -7.19 12.98 34.88
C LEU A 338 -7.90 14.33 34.80
N ALA A 339 -9.12 14.40 35.30
CA ALA A 339 -9.99 15.57 35.13
C ALA A 339 -9.36 16.87 35.64
N GLU A 340 -8.40 16.76 36.55
CA GLU A 340 -7.73 17.93 37.07
C GLU A 340 -6.79 18.51 36.01
N TYR A 341 -6.13 17.62 35.27
CA TYR A 341 -5.23 18.03 34.20
C TYR A 341 -6.00 18.43 32.94
N PHE A 342 -7.23 17.94 32.82
CA PHE A 342 -8.08 18.21 31.66
C PHE A 342 -8.18 19.70 31.38
N LYS A 343 -8.19 20.48 32.46
CA LYS A 343 -8.36 21.93 32.37
C LYS A 343 -7.13 22.61 31.77
N ASP A 344 -5.99 21.91 31.80
CA ASP A 344 -4.71 22.46 31.34
C ASP A 344 -4.20 21.73 30.10
N SER A 345 -4.75 20.54 29.84
CA SER A 345 -4.31 19.69 28.73
C SER A 345 -4.47 20.39 27.38
N ARG A 346 -3.52 20.12 26.47
CA ARG A 346 -3.51 20.74 25.15
C ARG A 346 -3.55 19.68 24.05
N ASN A 347 -4.59 19.74 23.23
CA ASN A 347 -4.75 18.82 22.09
C ASN A 347 -5.10 19.61 20.83
N VAL A 348 -4.15 19.69 19.91
CA VAL A 348 -4.33 20.45 18.67
C VAL A 348 -5.37 19.80 17.75
N LYS A 349 -5.54 18.49 17.85
CA LYS A 349 -6.52 17.78 17.03
C LYS A 349 -7.96 18.09 17.42
N LYS A 350 -8.23 18.09 18.72
CA LYS A 350 -9.59 18.23 19.22
C LYS A 350 -9.98 19.71 19.33
N LEU A 351 -8.97 20.57 19.46
CA LEU A 351 -9.17 22.02 19.52
C LEU A 351 -8.55 22.69 18.31
N LYS A 352 -9.38 23.27 17.45
CA LYS A 352 -8.90 23.84 16.19
C LYS A 352 -8.67 25.35 16.27
N ASP A 353 -9.08 25.96 17.38
CA ASP A 353 -8.98 27.41 17.54
C ASP A 353 -7.57 27.85 17.95
N PRO A 354 -6.95 28.77 17.17
CA PRO A 354 -5.54 29.13 17.40
C PRO A 354 -5.29 29.99 18.62
N THR A 355 -6.09 31.03 18.78
CA THR A 355 -5.89 31.98 19.87
C THR A 355 -5.96 31.26 21.23
N LEU A 356 -6.80 30.23 21.32
CA LEU A 356 -6.90 29.42 22.53
C LEU A 356 -5.70 28.48 22.64
N ARG A 357 -5.27 27.93 21.51
CA ARG A 357 -4.09 27.06 21.47
C ARG A 357 -2.89 27.80 22.02
N PHE A 358 -2.76 29.08 21.66
CA PHE A 358 -1.68 29.92 22.17
C PHE A 358 -1.68 29.95 23.71
N ARG A 359 -2.85 29.99 24.31
CA ARG A 359 -2.98 30.20 25.75
C ARG A 359 -2.47 29.00 26.56
N LEU A 360 -2.76 27.80 26.07
CA LEU A 360 -2.29 26.57 26.72
C LEU A 360 -0.77 26.39 26.65
N LEU A 361 -0.11 27.17 25.80
CA LEU A 361 1.35 27.17 25.71
C LEU A 361 1.95 28.32 26.53
N LYS A 362 3.01 28.01 27.27
CA LYS A 362 3.66 28.98 28.13
C LYS A 362 5.00 29.37 27.51
N HIS A 363 5.13 30.63 27.08
CA HIS A 363 6.26 31.02 26.24
C HIS A 363 7.59 31.12 26.98
N THR A 364 7.57 31.67 28.20
CA THR A 364 8.81 31.97 28.93
C THR A 364 8.87 31.26 30.27
N ARG A 365 10.07 31.07 30.79
CA ARG A 365 10.32 30.24 31.97
C ARG A 365 9.45 30.61 33.18
N LEU A 366 9.18 31.90 33.31
CA LEU A 366 8.35 32.40 34.40
C LEU A 366 6.99 31.74 34.36
N ASN A 367 6.33 31.83 33.21
CA ASN A 367 5.01 31.23 33.01
C ASN A 367 5.07 29.72 33.15
N VAL A 368 6.20 29.15 32.72
CA VAL A 368 6.40 27.71 32.78
C VAL A 368 6.42 27.21 34.21
N VAL A 369 7.30 27.81 35.03
CA VAL A 369 7.44 27.39 36.43
C VAL A 369 6.23 27.83 37.25
N ALA A 370 5.70 29.01 36.93
CA ALA A 370 4.45 29.45 37.52
C ALA A 370 3.36 28.42 37.24
N PHE A 371 3.32 27.95 36.00
CA PHE A 371 2.37 26.91 35.60
C PHE A 371 2.69 25.59 36.28
N LEU A 372 3.98 25.28 36.41
CA LEU A 372 4.39 24.03 37.03
C LEU A 372 4.04 24.05 38.52
N ASN A 373 4.07 25.23 39.14
CA ASN A 373 3.68 25.36 40.53
C ASN A 373 2.21 25.04 40.73
N GLU A 374 1.40 25.24 39.68
CA GLU A 374 -0.03 24.97 39.74
C GLU A 374 -0.32 23.47 39.69
N LEU A 375 0.59 22.70 39.10
CA LEU A 375 0.43 21.26 39.07
C LEU A 375 0.55 20.69 40.48
N PRO A 376 -0.20 19.62 40.78
CA PRO A 376 -0.21 19.06 42.13
C PRO A 376 1.16 18.55 42.55
N LYS A 377 1.36 18.35 43.85
CA LYS A 377 2.64 17.83 44.35
C LYS A 377 2.81 16.40 43.86
N THR A 378 4.06 16.00 43.63
CA THR A 378 4.34 14.69 43.04
C THR A 378 5.52 13.96 43.68
N GLN A 379 5.49 12.64 43.57
CA GLN A 379 6.63 11.82 43.97
C GLN A 379 6.90 10.79 42.87
N HIS A 380 8.11 10.84 42.30
CA HIS A 380 8.49 10.05 41.14
C HIS A 380 9.42 8.89 41.50
N ASP A 381 9.15 7.72 40.93
CA ASP A 381 10.07 6.59 41.05
C ASP A 381 11.14 6.73 39.98
N VAL A 382 12.22 7.44 40.31
CA VAL A 382 13.30 7.70 39.37
C VAL A 382 14.02 6.42 38.97
N ASN A 383 13.97 5.41 39.83
CA ASN A 383 14.62 4.13 39.55
C ASN A 383 13.98 3.45 38.36
N SER A 384 12.66 3.50 38.31
CA SER A 384 11.87 2.81 37.29
C SER A 384 11.83 3.55 35.96
N PHE A 385 12.36 4.78 35.93
CA PHE A 385 12.32 5.61 34.73
C PHE A 385 12.92 4.94 33.51
N VAL A 386 12.26 5.12 32.38
CA VAL A 386 12.68 4.59 31.10
C VAL A 386 13.01 5.75 30.15
N VAL A 387 14.29 5.86 29.78
CA VAL A 387 14.78 7.01 29.03
C VAL A 387 15.17 6.64 27.61
N ASP A 388 14.72 7.45 26.65
CA ASP A 388 15.11 7.28 25.25
C ASP A 388 15.71 8.58 24.73
N ILE A 389 16.85 8.49 24.05
CA ILE A 389 17.45 9.67 23.43
C ILE A 389 17.11 9.73 21.95
N SER A 390 16.08 10.49 21.64
CA SER A 390 15.57 10.61 20.28
C SER A 390 16.62 11.20 19.33
N ALA A 391 17.39 12.18 19.81
CA ALA A 391 18.35 12.86 18.95
C ALA A 391 19.47 13.53 19.72
N GLN A 392 20.61 13.69 19.06
CA GLN A 392 21.75 14.40 19.61
C GLN A 392 22.42 15.22 18.53
N THR A 393 22.65 16.49 18.83
CA THR A 393 23.32 17.41 17.95
C THR A 393 24.29 18.24 18.76
N SER A 394 25.22 18.89 18.07
CA SER A 394 26.11 19.85 18.72
C SER A 394 25.30 20.95 19.38
N THR A 395 24.22 21.35 18.70
CA THR A 395 23.38 22.46 19.12
C THR A 395 22.28 22.06 20.10
N LEU A 396 21.80 20.82 20.02
CA LEU A 396 20.69 20.36 20.87
C LEU A 396 20.74 18.88 21.21
N LEU A 397 19.97 18.48 22.21
CA LEU A 397 19.82 17.08 22.59
C LEU A 397 18.38 16.84 23.01
N CYS A 398 17.74 15.83 22.43
CA CYS A 398 16.35 15.51 22.76
C CYS A 398 16.21 14.14 23.40
N PHE A 399 15.32 14.03 24.39
CA PHE A 399 15.10 12.73 25.03
C PHE A 399 13.70 12.63 25.63
N SER A 400 13.24 11.40 25.79
CA SER A 400 11.90 11.10 26.26
C SER A 400 12.01 10.27 27.52
N VAL A 401 11.17 10.61 28.50
CA VAL A 401 11.19 9.95 29.79
C VAL A 401 9.83 9.35 30.08
N ASN A 402 9.78 8.01 30.12
CA ASN A 402 8.56 7.29 30.44
C ASN A 402 8.66 6.72 31.85
N GLY A 403 7.66 7.01 32.68
CA GLY A 403 7.67 6.54 34.06
C GLY A 403 6.33 6.64 34.75
N VAL A 404 6.35 6.62 36.08
CA VAL A 404 5.15 6.78 36.87
C VAL A 404 5.41 7.66 38.09
N PHE A 405 4.39 8.38 38.53
CA PHE A 405 4.49 9.20 39.73
C PHE A 405 3.21 9.16 40.54
N LYS A 406 3.36 9.37 41.85
CA LYS A 406 2.23 9.38 42.78
C LYS A 406 2.09 10.75 43.44
N GLU A 407 0.86 11.25 43.52
CA GLU A 407 0.57 12.56 44.09
C GLU A 407 0.15 12.46 45.56
N VAL A 408 0.33 13.54 46.31
CA VAL A 408 0.16 13.52 47.76
C VAL A 408 -0.98 14.42 48.28
N ASP A 409 -1.50 15.31 47.44
CA ASP A 409 -2.52 16.28 47.86
C ASP A 409 -3.71 16.34 46.91
N GLY A 410 -4.90 16.58 47.45
CA GLY A 410 -6.09 16.73 46.63
C GLY A 410 -6.86 15.44 46.43
N LYS A 411 -7.80 15.49 45.50
CA LYS A 411 -8.59 14.32 45.13
C LYS A 411 -7.66 13.24 44.59
N SER A 412 -6.67 13.68 43.83
CA SER A 412 -5.68 12.79 43.21
C SER A 412 -4.91 11.96 44.24
N ARG A 413 -4.97 12.37 45.50
CA ARG A 413 -4.22 11.73 46.58
C ARG A 413 -4.39 10.21 46.55
N ASP A 414 -3.32 9.51 46.90
CA ASP A 414 -3.27 8.04 46.93
C ASP A 414 -3.38 7.39 45.54
N SER A 415 -3.62 8.19 44.49
CA SER A 415 -3.71 7.64 43.14
C SER A 415 -2.33 7.61 42.49
N LEU A 416 -2.14 6.68 41.56
CA LEU A 416 -0.86 6.51 40.88
C LEU A 416 -1.00 6.79 39.39
N ARG A 417 -0.15 7.67 38.84
CA ARG A 417 -0.22 8.05 37.43
C ARG A 417 1.01 7.61 36.63
N ALA A 418 0.79 7.33 35.35
CA ALA A 418 1.87 7.05 34.40
C ALA A 418 2.09 8.23 33.47
N PHE A 419 3.35 8.47 33.09
CA PHE A 419 3.68 9.66 32.30
C PHE A 419 4.76 9.44 31.26
N THR A 420 4.65 10.20 30.17
CA THR A 420 5.68 10.30 29.14
C THR A 420 6.03 11.77 28.94
N ARG A 421 7.28 12.14 29.22
CA ARG A 421 7.71 13.53 29.13
C ARG A 421 8.90 13.69 28.18
N THR A 422 8.77 14.56 27.19
CA THR A 422 9.83 14.79 26.22
C THR A 422 10.52 16.14 26.47
N PHE A 423 11.86 16.09 26.41
CA PHE A 423 12.71 17.23 26.69
C PHE A 423 13.63 17.54 25.50
N ILE A 424 13.73 18.82 25.16
CA ILE A 424 14.80 19.30 24.29
C ILE A 424 15.71 20.19 25.11
N ALA A 425 17.02 19.94 24.99
CA ALA A 425 18.01 20.56 25.82
C ALA A 425 19.19 21.08 25.02
N VAL A 426 19.60 22.31 25.36
CA VAL A 426 20.78 22.93 24.78
C VAL A 426 21.85 22.91 25.86
N PRO A 427 23.11 22.62 25.49
CA PRO A 427 24.14 22.45 26.53
C PRO A 427 24.40 23.70 27.38
N ALA A 428 24.77 23.46 28.63
CA ALA A 428 25.16 24.51 29.56
C ALA A 428 26.51 24.11 30.14
N SER A 429 27.15 25.01 30.89
CA SER A 429 28.50 24.77 31.34
C SER A 429 28.56 23.60 32.31
N ASN A 430 29.70 22.90 32.29
CA ASN A 430 29.94 21.78 33.20
C ASN A 430 28.95 20.65 33.02
N SER A 431 28.64 20.32 31.76
CA SER A 431 27.78 19.20 31.44
C SER A 431 26.33 19.43 31.83
N GLY A 432 25.98 20.68 32.16
CA GLY A 432 24.61 21.00 32.51
C GLY A 432 23.78 21.09 31.25
N LEU A 433 22.47 20.88 31.40
CA LEU A 433 21.53 20.99 30.28
C LEU A 433 20.51 22.09 30.54
N CYS A 434 20.20 22.85 29.49
CA CYS A 434 19.20 23.92 29.58
C CYS A 434 18.01 23.57 28.71
N ILE A 435 16.84 23.46 29.32
CA ILE A 435 15.64 23.02 28.60
C ILE A 435 15.03 24.13 27.75
N VAL A 436 14.81 23.85 26.46
CA VAL A 436 14.16 24.83 25.59
C VAL A 436 12.69 24.48 25.38
N ASN A 437 12.39 23.20 25.22
CA ASN A 437 11.01 22.74 25.05
C ASN A 437 10.70 21.62 26.02
N ASP A 438 9.48 21.64 26.55
CA ASP A 438 9.04 20.62 27.50
C ASP A 438 7.59 20.19 27.24
N GLU A 439 7.39 18.89 27.06
CA GLU A 439 6.05 18.35 26.85
C GLU A 439 5.78 17.21 27.82
N LEU A 440 4.68 17.32 28.55
CA LEU A 440 4.29 16.31 29.52
C LEU A 440 2.97 15.64 29.14
N PHE A 441 3.02 14.32 28.98
CA PHE A 441 1.84 13.52 28.72
C PHE A 441 1.48 12.64 29.92
N VAL A 442 0.29 12.85 30.50
CA VAL A 442 -0.09 12.16 31.72
C VAL A 442 -1.33 11.27 31.55
N ARG A 443 -1.23 10.04 32.07
CA ARG A 443 -2.32 9.07 32.00
C ARG A 443 -2.36 8.16 33.23
N ASN A 444 -3.51 7.51 33.45
CA ASN A 444 -3.64 6.52 34.52
C ASN A 444 -2.78 5.30 34.25
N ALA A 445 -2.13 4.79 35.30
CA ALA A 445 -1.19 3.68 35.16
C ALA A 445 -1.89 2.34 34.92
N SER A 446 -1.22 1.45 34.20
CA SER A 446 -1.74 0.10 33.96
C SER A 446 -1.57 -0.76 35.21
N SER A 447 -2.39 -1.80 35.33
CA SER A 447 -2.33 -2.69 36.50
C SER A 447 -0.94 -3.27 36.67
N GLU A 448 -0.37 -3.73 35.56
CA GLU A 448 0.98 -4.30 35.56
C GLU A 448 2.00 -3.25 36.02
N GLU A 449 1.76 -1.98 35.68
CA GLU A 449 2.63 -0.90 36.12
C GLU A 449 2.44 -0.58 37.60
N ILE A 450 1.20 -0.66 38.07
CA ILE A 450 0.89 -0.41 39.47
C ILE A 450 1.54 -1.47 40.35
N GLN A 451 1.45 -2.73 39.92
CA GLN A 451 2.06 -3.82 40.68
C GLN A 451 3.55 -3.60 40.88
N ARG A 452 4.22 -3.13 39.83
CA ARG A 452 5.66 -2.91 39.85
C ARG A 452 5.99 -1.43 40.03
N ALA A 453 5.12 -0.71 40.73
CA ALA A 453 5.24 0.74 40.88
C ALA A 453 6.49 1.16 41.66
N PHE A 454 6.68 0.56 42.84
CA PHE A 454 7.81 0.92 43.70
C PHE A 454 8.50 -0.31 44.29
N ALA A 455 9.82 -0.22 44.42
CA ALA A 455 10.62 -1.29 45.00
C ALA A 455 10.40 -2.61 44.28
N SER B 2 12.07 39.16 13.52
CA SER B 2 11.56 39.46 12.19
C SER B 2 10.08 39.09 12.09
N VAL B 3 9.72 37.99 12.73
CA VAL B 3 8.34 37.50 12.74
C VAL B 3 7.90 37.10 14.15
N ASP B 4 6.63 37.33 14.45
CA ASP B 4 6.06 37.11 15.78
C ASP B 4 6.09 35.64 16.22
N PHE B 5 5.98 35.42 17.52
CA PHE B 5 6.03 34.09 18.12
C PHE B 5 4.73 33.29 17.92
N LYS B 6 3.59 33.97 18.07
CA LYS B 6 2.30 33.32 17.90
C LYS B 6 2.17 32.73 16.50
N THR B 7 2.77 33.42 15.53
CA THR B 7 2.82 32.92 14.17
C THR B 7 3.57 31.59 14.13
N TYR B 8 4.66 31.50 14.87
CA TYR B 8 5.44 30.26 14.95
C TYR B 8 4.61 29.16 15.59
N VAL B 9 3.88 29.50 16.65
CA VAL B 9 2.99 28.53 17.28
C VAL B 9 1.95 28.01 16.28
N ASP B 10 1.27 28.93 15.60
CA ASP B 10 0.25 28.55 14.61
C ASP B 10 0.86 27.67 13.51
N GLN B 11 2.00 28.12 12.98
CA GLN B 11 2.70 27.36 11.95
C GLN B 11 3.05 25.96 12.47
N ALA B 12 3.45 25.87 13.73
CA ALA B 12 3.74 24.58 14.34
C ALA B 12 2.47 23.71 14.32
N CYS B 13 1.34 24.29 14.72
CA CYS B 13 0.06 23.57 14.66
C CYS B 13 -0.25 23.05 13.25
N ARG B 14 -0.23 23.94 12.26
CA ARG B 14 -0.49 23.51 10.88
C ARG B 14 0.47 22.39 10.46
N ALA B 15 1.74 22.60 10.74
CA ALA B 15 2.78 21.63 10.42
C ALA B 15 2.44 20.27 11.01
N ALA B 16 2.11 20.25 12.30
CA ALA B 16 1.76 19.01 12.99
C ALA B 16 0.55 18.37 12.31
N GLU B 17 -0.49 19.15 12.11
CA GLU B 17 -1.74 18.63 11.56
C GLU B 17 -1.55 18.02 10.17
N GLU B 18 -0.72 18.63 9.33
CA GLU B 18 -0.40 18.02 8.03
C GLU B 18 0.50 16.79 8.17
N PHE B 19 1.56 16.92 8.96
CA PHE B 19 2.53 15.83 9.14
C PHE B 19 1.91 14.55 9.66
N VAL B 20 1.03 14.65 10.65
CA VAL B 20 0.37 13.47 11.18
C VAL B 20 -0.27 12.66 10.05
N ASN B 21 -1.13 13.33 9.28
CA ASN B 21 -1.79 12.74 8.13
C ASN B 21 -0.78 12.12 7.19
N VAL B 22 0.15 12.93 6.70
CA VAL B 22 1.17 12.43 5.77
C VAL B 22 1.88 11.17 6.30
N TYR B 23 2.56 11.31 7.44
CA TYR B 23 3.37 10.23 8.01
C TYR B 23 2.58 8.95 8.30
N TYR B 24 1.45 9.07 8.99
CA TYR B 24 0.72 7.86 9.38
C TYR B 24 -0.04 7.25 8.19
N THR B 25 -0.59 8.10 7.32
CA THR B 25 -1.23 7.58 6.11
C THR B 25 -0.19 6.86 5.25
N THR B 26 0.98 7.46 5.04
CA THR B 26 2.02 6.78 4.27
C THR B 26 2.47 5.50 4.96
N MET B 27 2.61 5.53 6.28
CA MET B 27 3.00 4.32 7.00
C MET B 27 1.97 3.20 6.85
N ASP B 28 0.69 3.55 6.88
CA ASP B 28 -0.40 2.58 6.67
C ASP B 28 -0.49 2.05 5.23
N LYS B 29 -0.56 2.96 4.25
CA LYS B 29 -0.83 2.57 2.86
C LYS B 29 0.42 2.17 2.07
N ARG B 30 1.44 3.02 2.10
CA ARG B 30 2.61 2.83 1.25
C ARG B 30 3.94 2.87 2.03
N ARG B 31 4.14 1.87 2.88
CA ARG B 31 5.31 1.74 3.75
C ARG B 31 6.62 2.06 3.04
N ARG B 32 6.68 1.79 1.74
CA ARG B 32 7.91 1.90 0.97
C ARG B 32 8.44 3.34 0.96
N LEU B 33 7.55 4.33 0.86
CA LEU B 33 7.94 5.73 0.71
C LEU B 33 8.17 6.48 2.02
N LEU B 34 7.70 5.92 3.13
CA LEU B 34 7.82 6.56 4.44
C LEU B 34 9.24 7.05 4.73
N SER B 35 10.20 6.15 4.50
CA SER B 35 11.61 6.41 4.78
C SER B 35 12.10 7.73 4.18
N ARG B 36 11.55 8.11 3.04
CA ARG B 36 11.98 9.30 2.34
C ARG B 36 11.79 10.58 3.16
N LEU B 37 10.94 10.51 4.17
CA LEU B 37 10.70 11.67 5.03
C LEU B 37 11.88 11.95 5.99
N TYR B 38 12.49 10.88 6.50
CA TYR B 38 13.60 10.99 7.44
C TYR B 38 14.85 11.53 6.75
N MET B 39 15.55 12.44 7.43
CA MET B 39 16.86 12.90 6.96
C MET B 39 17.87 11.77 7.11
N GLY B 40 19.02 11.93 6.48
CA GLY B 40 20.06 10.91 6.56
C GLY B 40 20.63 10.87 7.96
N THR B 41 20.76 12.05 8.55
CA THR B 41 21.35 12.18 9.88
C THR B 41 20.40 11.70 10.98
N ALA B 42 19.10 11.72 10.68
CA ALA B 42 18.06 11.42 11.67
C ALA B 42 18.22 10.05 12.30
N THR B 43 17.82 9.96 13.57
CA THR B 43 17.88 8.73 14.34
C THR B 43 16.50 8.31 14.84
N LEU B 44 16.23 7.02 14.78
CA LEU B 44 14.95 6.45 15.19
C LEU B 44 15.14 5.52 16.38
N VAL B 45 14.37 5.77 17.44
CA VAL B 45 14.37 4.91 18.62
C VAL B 45 13.04 4.16 18.74
N TRP B 46 13.02 2.91 18.27
CA TRP B 46 11.81 2.08 18.27
C TRP B 46 11.89 1.08 19.42
N ASN B 47 11.13 1.33 20.48
CA ASN B 47 11.17 0.52 21.69
C ASN B 47 12.59 0.26 22.18
N GLY B 48 13.43 1.28 22.15
CA GLY B 48 14.78 1.15 22.65
C GLY B 48 15.75 0.59 21.63
N ASN B 49 15.25 0.32 20.42
CA ASN B 49 16.10 -0.08 19.31
C ASN B 49 16.45 1.11 18.44
N ALA B 50 17.74 1.33 18.23
CA ALA B 50 18.23 2.50 17.51
C ALA B 50 18.41 2.21 16.02
N VAL B 51 17.97 3.14 15.19
CA VAL B 51 18.13 3.04 13.74
C VAL B 51 18.70 4.34 13.17
N SER B 52 19.85 4.23 12.51
CA SER B 52 20.54 5.40 11.96
C SER B 52 20.85 5.22 10.48
N GLY B 53 20.55 6.25 9.70
CA GLY B 53 20.81 6.22 8.27
C GLY B 53 19.60 5.81 7.46
N GLN B 54 19.41 6.48 6.32
CA GLN B 54 18.28 6.26 5.42
C GLN B 54 18.10 4.78 5.08
N GLU B 55 19.21 4.12 4.75
CA GLU B 55 19.18 2.72 4.37
C GLU B 55 18.63 1.85 5.51
N SER B 56 19.26 1.96 6.67
CA SER B 56 18.88 1.15 7.82
C SER B 56 17.44 1.42 8.23
N LEU B 57 17.02 2.68 8.11
CA LEU B 57 15.64 3.06 8.38
C LEU B 57 14.70 2.38 7.40
N SER B 58 15.04 2.43 6.11
CA SER B 58 14.22 1.80 5.07
C SER B 58 14.08 0.30 5.28
N GLU B 59 15.21 -0.38 5.49
CA GLU B 59 15.17 -1.82 5.73
C GLU B 59 14.38 -2.13 7.01
N PHE B 60 14.64 -1.37 8.07
CA PHE B 60 13.91 -1.55 9.32
C PHE B 60 12.40 -1.41 9.09
N PHE B 61 12.00 -0.40 8.32
CA PHE B 61 10.58 -0.20 8.04
C PHE B 61 10.04 -1.29 7.12
N GLU B 62 10.90 -1.80 6.24
CA GLU B 62 10.54 -2.94 5.38
C GLU B 62 10.28 -4.19 6.21
N MET B 63 11.09 -4.39 7.25
CA MET B 63 10.95 -5.53 8.16
C MET B 63 9.62 -5.54 8.92
N LEU B 64 9.07 -4.37 9.22
CA LEU B 64 7.89 -4.29 10.07
C LEU B 64 6.60 -4.76 9.38
N PRO B 65 5.65 -5.30 10.17
CA PRO B 65 4.32 -5.66 9.68
C PRO B 65 3.51 -4.48 9.16
N SER B 66 2.48 -4.76 8.37
CA SER B 66 1.59 -3.73 7.87
C SER B 66 0.84 -3.16 9.07
N SER B 67 0.49 -1.88 9.00
CA SER B 67 -0.03 -1.14 10.15
C SER B 67 -1.35 -0.46 9.88
N GLU B 68 -2.11 -0.23 10.95
CA GLU B 68 -3.35 0.53 10.89
C GLU B 68 -3.44 1.44 12.10
N PHE B 69 -2.73 2.57 12.04
CA PHE B 69 -2.70 3.52 13.14
C PHE B 69 -4.04 4.20 13.35
N GLN B 70 -4.38 4.41 14.62
CA GLN B 70 -5.53 5.21 15.00
C GLN B 70 -5.06 6.20 16.07
N ILE B 71 -5.12 7.48 15.72
CA ILE B 71 -4.49 8.52 16.52
C ILE B 71 -5.48 9.16 17.48
N SER B 72 -5.16 9.08 18.77
CA SER B 72 -6.01 9.63 19.82
C SER B 72 -5.79 11.12 20.00
N VAL B 73 -4.55 11.51 20.32
CA VAL B 73 -4.24 12.90 20.64
C VAL B 73 -2.90 13.37 20.09
N VAL B 74 -2.80 14.66 19.79
CA VAL B 74 -1.59 15.28 19.25
C VAL B 74 -1.29 16.62 19.93
N ASP B 75 -0.02 16.96 20.05
CA ASP B 75 0.39 18.25 20.62
C ASP B 75 1.70 18.70 19.96
N CYS B 76 1.94 20.01 19.91
CA CYS B 76 3.11 20.54 19.21
C CYS B 76 3.64 21.83 19.82
N GLN B 77 4.93 22.08 19.63
CA GLN B 77 5.57 23.31 20.09
C GLN B 77 6.66 23.78 19.13
N PRO B 78 6.75 25.09 18.88
CA PRO B 78 7.91 25.56 18.12
C PRO B 78 9.17 25.46 18.97
N VAL B 79 10.32 25.29 18.32
CA VAL B 79 11.59 25.08 19.00
C VAL B 79 12.48 26.31 18.93
N HIS B 80 13.15 26.58 20.04
CA HIS B 80 14.04 27.73 20.16
C HIS B 80 15.13 27.66 19.08
N ASP B 81 15.45 28.82 18.49
CA ASP B 81 16.37 28.86 17.37
C ASP B 81 17.78 28.47 17.80
N GLU B 82 18.10 28.67 19.07
CA GLU B 82 19.43 28.33 19.62
C GLU B 82 19.76 26.87 19.40
N ALA B 83 18.72 26.04 19.39
CA ALA B 83 18.87 24.61 19.19
C ALA B 83 19.19 24.28 17.73
N THR B 84 18.65 25.08 16.81
CA THR B 84 18.93 24.91 15.37
C THR B 84 19.06 26.27 14.69
N PRO B 85 20.22 26.91 14.86
CA PRO B 85 20.42 28.27 14.35
C PRO B 85 20.10 28.40 12.87
N SER B 86 19.37 29.46 12.53
CA SER B 86 19.06 29.77 11.12
C SER B 86 18.18 28.70 10.47
N GLN B 87 17.62 27.80 11.27
CA GLN B 87 16.77 26.73 10.75
C GLN B 87 15.45 26.66 11.50
N THR B 88 14.35 26.75 10.76
CA THR B 88 13.02 26.64 11.33
C THR B 88 12.72 25.19 11.70
N THR B 89 12.36 24.93 12.95
CA THR B 89 12.05 23.57 13.38
C THR B 89 10.90 23.54 14.39
N VAL B 90 10.31 22.36 14.54
CA VAL B 90 9.13 22.18 15.40
C VAL B 90 9.16 20.81 16.07
N LEU B 91 8.61 20.74 17.28
CA LEU B 91 8.48 19.48 18.01
C LEU B 91 7.02 19.05 18.07
N VAL B 92 6.79 17.78 17.76
CA VAL B 92 5.44 17.22 17.78
C VAL B 92 5.39 15.94 18.61
N VAL B 93 4.36 15.80 19.44
CA VAL B 93 4.11 14.55 20.16
C VAL B 93 2.72 14.03 19.85
N ILE B 94 2.63 12.71 19.78
CA ILE B 94 1.40 12.01 19.43
C ILE B 94 1.20 10.82 20.35
N CYS B 95 -0.06 10.61 20.75
CA CYS B 95 -0.43 9.37 21.41
C CYS B 95 -1.63 8.77 20.70
N GLY B 96 -1.59 7.46 20.51
CA GLY B 96 -2.68 6.79 19.84
C GLY B 96 -2.69 5.29 20.07
N SER B 97 -3.47 4.59 19.25
CA SER B 97 -3.47 3.13 19.22
C SER B 97 -3.00 2.66 17.85
N VAL B 98 -2.35 1.51 17.81
CA VAL B 98 -1.88 0.93 16.56
C VAL B 98 -2.15 -0.58 16.52
N LYS B 99 -2.48 -1.06 15.33
CA LYS B 99 -2.76 -2.47 15.10
C LYS B 99 -1.82 -3.03 14.03
N PHE B 100 -0.82 -3.77 14.48
CA PHE B 100 0.13 -4.41 13.58
C PHE B 100 -0.38 -5.79 13.18
N GLU B 101 0.03 -6.24 12.02
CA GLU B 101 -0.39 -7.54 11.49
C GLU B 101 0.04 -8.67 12.43
N GLY B 102 -0.94 -9.44 12.91
CA GLY B 102 -0.68 -10.60 13.74
C GLY B 102 -0.41 -10.29 15.21
N ASN B 103 -0.46 -9.01 15.56
CA ASN B 103 -0.26 -8.56 16.94
C ASN B 103 -1.47 -7.77 17.42
N LYS B 104 -1.82 -7.89 18.69
CA LYS B 104 -3.00 -7.20 19.21
C LYS B 104 -2.79 -5.70 19.16
N GLN B 105 -3.88 -4.96 19.07
CA GLN B 105 -3.82 -3.50 19.09
C GLN B 105 -3.17 -3.03 20.39
N ARG B 106 -2.31 -2.02 20.28
CA ARG B 106 -1.63 -1.47 21.45
C ARG B 106 -1.60 0.05 21.42
N ASP B 107 -1.69 0.67 22.60
CA ASP B 107 -1.55 2.12 22.70
C ASP B 107 -0.07 2.48 22.61
N PHE B 108 0.21 3.66 22.08
CA PHE B 108 1.57 4.06 21.79
C PHE B 108 1.74 5.57 21.93
N ASN B 109 2.94 5.97 22.36
CA ASN B 109 3.34 7.37 22.41
C ASN B 109 4.55 7.58 21.53
N GLN B 110 4.52 8.64 20.70
CA GLN B 110 5.60 8.90 19.76
C GLN B 110 5.86 10.39 19.62
N ASN B 111 7.13 10.78 19.57
CA ASN B 111 7.50 12.19 19.37
C ASN B 111 8.46 12.38 18.20
N PHE B 112 8.24 13.47 17.47
CA PHE B 112 9.04 13.83 16.29
C PHE B 112 9.65 15.23 16.42
N ILE B 113 10.88 15.39 15.93
CA ILE B 113 11.46 16.72 15.72
C ILE B 113 11.61 16.97 14.22
N LEU B 114 10.90 17.99 13.73
CA LEU B 114 10.82 18.32 12.31
C LEU B 114 11.60 19.57 11.97
N THR B 115 12.50 19.50 10.99
CA THR B 115 13.28 20.67 10.57
C THR B 115 12.95 21.05 9.13
N ALA B 116 12.69 22.33 8.91
CA ALA B 116 12.40 22.83 7.58
C ALA B 116 13.69 22.98 6.75
N GLN B 117 13.70 22.36 5.58
CA GLN B 117 14.84 22.43 4.66
C GLN B 117 14.49 23.23 3.42
N ALA B 118 15.30 24.26 3.15
CA ALA B 118 15.06 25.18 2.05
C ALA B 118 16.03 24.95 0.91
N SER B 119 15.48 24.67 -0.27
CA SER B 119 16.25 24.61 -1.51
C SER B 119 15.76 25.70 -2.44
N PRO B 120 16.63 26.22 -3.32
CA PRO B 120 16.23 27.32 -4.22
C PRO B 120 14.97 27.01 -5.02
N SER B 121 14.81 25.75 -5.44
CA SER B 121 13.64 25.34 -6.22
C SER B 121 12.40 25.21 -5.35
N ASN B 122 12.53 24.51 -4.22
CA ASN B 122 11.41 24.23 -3.35
C ASN B 122 11.86 24.06 -1.90
N THR B 123 10.91 24.20 -0.97
CA THR B 123 11.20 24.03 0.45
C THR B 123 10.39 22.85 0.98
N VAL B 124 11.06 21.96 1.72
CA VAL B 124 10.41 20.76 2.22
C VAL B 124 10.88 20.44 3.62
N TRP B 125 10.00 19.79 4.37
CA TRP B 125 10.27 19.45 5.76
C TRP B 125 10.69 17.99 5.89
N LYS B 126 11.74 17.75 6.67
CA LYS B 126 12.15 16.39 6.99
C LYS B 126 12.26 16.17 8.50
N ILE B 127 12.05 14.90 8.88
CA ILE B 127 12.12 14.44 10.26
C ILE B 127 13.57 14.31 10.73
N ALA B 128 13.95 15.15 11.69
CA ALA B 128 15.29 15.13 12.25
C ALA B 128 15.47 14.06 13.31
N SER B 129 14.37 13.51 13.82
CA SER B 129 14.43 12.45 14.84
C SER B 129 13.10 11.74 15.02
N ASP B 130 13.15 10.50 15.49
CA ASP B 130 11.93 9.77 15.85
C ASP B 130 12.14 8.92 17.10
N CYS B 131 11.14 8.90 17.97
CA CYS B 131 11.13 7.99 19.12
C CYS B 131 9.73 7.41 19.28
N PHE B 132 9.64 6.10 19.13
CA PHE B 132 8.38 5.37 19.24
C PHE B 132 8.48 4.36 20.36
N ARG B 133 7.44 4.32 21.21
CA ARG B 133 7.38 3.34 22.28
C ARG B 133 5.94 2.98 22.60
N PHE B 134 5.72 1.72 22.96
CA PHE B 134 4.41 1.25 23.38
C PHE B 134 4.18 1.60 24.85
N GLN B 135 2.94 1.92 25.18
CA GLN B 135 2.57 2.16 26.57
C GLN B 135 2.90 0.94 27.42
N ASP B 136 2.69 -0.25 26.85
CA ASP B 136 2.93 -1.50 27.54
C ASP B 136 3.97 -2.36 26.82
N TRP B 137 5.23 -1.92 26.87
CA TRP B 137 6.33 -2.61 26.20
C TRP B 137 6.84 -3.80 27.04
N ALA B 138 6.43 -3.85 28.30
CA ALA B 138 6.89 -4.88 29.23
C ALA B 138 6.42 -6.29 28.85
N SER B 139 5.20 -6.39 28.33
CA SER B 139 4.64 -7.68 27.95
C SER B 139 5.35 -8.28 26.74
N ASN C 108 -17.66 54.16 -21.33
CA ASN C 108 -18.18 53.02 -22.07
C ASN C 108 -17.05 52.18 -22.64
N GLU C 109 -17.35 51.37 -23.65
CA GLU C 109 -16.32 50.58 -24.32
C GLU C 109 -15.28 51.51 -24.91
N LEU C 110 -14.06 51.01 -25.10
CA LEU C 110 -12.98 51.81 -25.67
C LEU C 110 -12.77 51.50 -27.15
N LYS C 111 -12.51 52.54 -27.94
CA LYS C 111 -12.27 52.42 -29.37
C LYS C 111 -11.03 51.54 -29.64
N PRO C 112 -11.06 50.72 -30.72
CA PRO C 112 -9.91 49.89 -31.08
C PRO C 112 -8.59 50.66 -31.18
N GLU C 113 -8.65 51.89 -31.69
CA GLU C 113 -7.47 52.74 -31.80
C GLU C 113 -6.86 53.07 -30.44
N GLN C 114 -7.72 53.28 -29.45
CA GLN C 114 -7.28 53.57 -28.08
C GLN C 114 -6.55 52.37 -27.45
N VAL C 115 -6.94 51.17 -27.85
CA VAL C 115 -6.33 49.95 -27.32
C VAL C 115 -4.86 49.80 -27.74
N GLU C 116 -4.55 50.21 -28.97
CA GLU C 116 -3.17 50.19 -29.45
C GLU C 116 -2.33 51.19 -28.65
N GLN C 117 -2.89 52.36 -28.41
CA GLN C 117 -2.23 53.38 -27.60
C GLN C 117 -1.99 52.88 -26.19
N LEU C 118 -3.03 52.33 -25.57
CA LEU C 118 -2.89 51.75 -24.24
C LEU C 118 -1.82 50.67 -24.24
N LYS C 119 -1.84 49.82 -25.27
CA LYS C 119 -0.82 48.79 -25.45
C LYS C 119 0.57 49.41 -25.45
N LEU C 120 0.73 50.50 -26.21
CA LEU C 120 2.00 51.23 -26.21
C LEU C 120 2.36 51.70 -24.80
N ILE C 121 1.39 52.30 -24.10
CA ILE C 121 1.62 52.74 -22.73
C ILE C 121 2.08 51.59 -21.85
N MET C 122 1.43 50.43 -21.98
CA MET C 122 1.83 49.25 -21.25
C MET C 122 3.25 48.83 -21.60
N SER C 123 3.57 48.88 -22.90
CA SER C 123 4.92 48.55 -23.36
C SER C 123 5.94 49.51 -22.74
N LYS C 124 5.55 50.78 -22.64
CA LYS C 124 6.40 51.78 -22.00
C LYS C 124 6.56 51.49 -20.51
N ARG C 125 5.45 51.12 -19.86
CA ARG C 125 5.47 50.81 -18.43
C ARG C 125 6.12 49.46 -18.12
N TYR C 126 6.17 48.58 -19.12
CA TYR C 126 6.83 47.29 -18.95
C TYR C 126 8.35 47.46 -18.89
N ASP C 127 9.00 46.58 -18.14
CA ASP C 127 10.46 46.59 -18.02
C ASP C 127 11.03 45.23 -18.42
N GLY C 128 11.89 45.23 -19.43
CA GLY C 128 12.41 43.98 -19.97
C GLY C 128 13.28 43.22 -18.99
N SER C 129 14.24 43.92 -18.39
CA SER C 129 15.23 43.28 -17.53
C SER C 129 14.60 42.57 -16.33
N GLN C 130 13.68 43.25 -15.67
CA GLN C 130 13.05 42.73 -14.45
C GLN C 130 11.78 41.95 -14.74
N GLN C 131 11.28 42.01 -15.97
CA GLN C 131 10.02 41.39 -16.35
C GLN C 131 8.86 41.88 -15.48
N ALA C 132 8.89 43.16 -15.14
CA ALA C 132 7.86 43.77 -14.31
C ALA C 132 7.00 44.73 -15.14
N LEU C 133 5.69 44.55 -15.06
CA LEU C 133 4.75 45.44 -15.73
C LEU C 133 3.99 46.25 -14.68
N ASP C 134 4.14 47.57 -14.74
CA ASP C 134 3.50 48.47 -13.77
C ASP C 134 2.20 49.04 -14.33
N LEU C 135 1.11 48.87 -13.58
CA LEU C 135 -0.18 49.46 -13.92
C LEU C 135 -0.71 50.31 -12.76
N LYS C 136 0.20 50.81 -11.94
CA LYS C 136 -0.19 51.63 -10.79
C LYS C 136 -0.75 52.98 -11.24
N GLY C 137 -1.98 53.26 -10.83
CA GLY C 137 -2.64 54.50 -11.18
C GLY C 137 -2.67 54.70 -12.69
N LEU C 138 -3.24 53.73 -13.39
CA LEU C 138 -3.22 53.71 -14.86
C LEU C 138 -4.00 54.89 -15.43
N ARG C 139 -5.07 55.28 -14.74
CA ARG C 139 -5.88 56.41 -15.18
C ARG C 139 -5.10 57.72 -15.08
N SER C 140 -4.23 57.82 -14.08
CA SER C 140 -3.46 59.03 -13.85
C SER C 140 -2.32 59.19 -14.87
N ASP C 141 -2.11 58.15 -15.67
CA ASP C 141 -1.01 58.15 -16.64
C ASP C 141 -1.09 59.36 -17.58
N PRO C 142 0.00 60.14 -17.69
CA PRO C 142 -0.05 61.36 -18.50
C PRO C 142 -0.46 61.14 -19.97
N ASP C 143 0.04 60.09 -20.60
CA ASP C 143 -0.27 59.86 -22.01
C ASP C 143 -1.75 59.63 -22.23
N LEU C 144 -2.33 58.68 -21.50
CA LEU C 144 -3.75 58.36 -21.64
C LEU C 144 -4.61 59.58 -21.38
N VAL C 145 -4.21 60.39 -20.40
CA VAL C 145 -4.92 61.62 -20.08
C VAL C 145 -4.74 62.63 -21.20
N ALA C 146 -3.54 62.68 -21.77
CA ALA C 146 -3.25 63.60 -22.86
C ALA C 146 -4.02 63.25 -24.12
N GLN C 147 -4.18 61.96 -24.38
CA GLN C 147 -4.99 61.50 -25.52
C GLN C 147 -6.47 61.60 -25.19
N ASN C 148 -6.77 61.98 -23.95
CA ASN C 148 -8.13 62.13 -23.46
C ASN C 148 -8.83 60.77 -23.32
N ILE C 149 -8.04 59.70 -23.42
CA ILE C 149 -8.55 58.35 -23.22
C ILE C 149 -8.70 58.07 -21.73
N ASP C 150 -9.89 57.60 -21.34
CA ASP C 150 -10.18 57.27 -19.95
C ASP C 150 -10.31 55.77 -19.78
N VAL C 151 -9.40 55.21 -18.98
CA VAL C 151 -9.37 53.78 -18.71
C VAL C 151 -9.55 53.52 -17.22
N VAL C 152 -10.64 52.83 -16.90
CA VAL C 152 -10.99 52.49 -15.53
C VAL C 152 -10.82 50.98 -15.33
N LEU C 153 -9.80 50.61 -14.57
CA LEU C 153 -9.43 49.20 -14.41
C LEU C 153 -10.45 48.38 -13.62
N ASN C 154 -11.18 49.00 -12.70
CA ASN C 154 -12.18 48.26 -11.93
C ASN C 154 -13.33 47.82 -12.83
N ARG C 155 -13.50 48.51 -13.95
CA ARG C 155 -14.48 48.10 -14.96
C ARG C 155 -14.01 46.83 -15.64
N ARG C 156 -14.95 45.95 -15.94
CA ARG C 156 -14.64 44.63 -16.49
C ARG C 156 -14.06 44.69 -17.90
N SER C 157 -14.58 45.59 -18.74
CA SER C 157 -14.14 45.68 -20.13
C SER C 157 -12.65 46.00 -20.23
N CYS C 158 -12.25 47.11 -19.60
CA CYS C 158 -10.86 47.56 -19.62
C CYS C 158 -9.91 46.52 -19.03
N MET C 159 -10.35 45.85 -17.97
CA MET C 159 -9.58 44.79 -17.34
C MET C 159 -9.39 43.62 -18.29
N ALA C 160 -10.51 43.12 -18.83
CA ALA C 160 -10.49 42.05 -19.83
C ALA C 160 -9.53 42.39 -20.96
N ALA C 161 -9.66 43.61 -21.46
CA ALA C 161 -8.77 44.10 -22.51
C ALA C 161 -7.32 44.00 -22.04
N THR C 162 -7.04 44.52 -20.85
CA THR C 162 -5.69 44.50 -20.31
C THR C 162 -5.12 43.08 -20.20
N LEU C 163 -5.91 42.17 -19.66
CA LEU C 163 -5.50 40.76 -19.55
C LEU C 163 -5.22 40.18 -20.94
N ARG C 164 -6.12 40.45 -21.88
CA ARG C 164 -5.94 40.02 -23.26
C ARG C 164 -4.61 40.51 -23.82
N ILE C 165 -4.33 41.81 -23.63
CA ILE C 165 -3.08 42.40 -24.07
C ILE C 165 -1.89 41.69 -23.42
N ILE C 166 -1.97 41.47 -22.11
CA ILE C 166 -0.92 40.75 -21.40
C ILE C 166 -0.66 39.36 -21.99
N GLU C 167 -1.72 38.58 -22.16
CA GLU C 167 -1.57 37.24 -22.72
C GLU C 167 -0.95 37.28 -24.11
N GLU C 168 -1.54 38.09 -25.00
CA GLU C 168 -1.09 38.16 -26.38
C GLU C 168 0.37 38.64 -26.48
N ASN C 169 0.65 39.78 -25.84
CA ASN C 169 1.96 40.42 -25.97
C ASN C 169 3.05 39.79 -25.13
N ILE C 170 2.82 39.65 -23.82
CA ILE C 170 3.85 39.18 -22.90
C ILE C 170 3.37 38.01 -22.03
N PRO C 171 3.69 36.78 -22.44
CA PRO C 171 3.29 35.61 -21.64
C PRO C 171 4.33 35.20 -20.60
N GLU C 172 5.49 35.84 -20.63
CA GLU C 172 6.62 35.43 -19.81
C GLU C 172 6.75 36.22 -18.51
N LEU C 173 5.97 37.30 -18.40
CA LEU C 173 6.12 38.24 -17.28
C LEU C 173 5.95 37.57 -15.93
N LEU C 174 6.82 37.96 -14.98
CA LEU C 174 6.86 37.34 -13.66
C LEU C 174 6.34 38.27 -12.56
N SER C 175 6.10 39.54 -12.89
CA SER C 175 5.67 40.51 -11.89
C SER C 175 4.69 41.55 -12.43
N LEU C 176 3.70 41.88 -11.61
CA LEU C 176 2.64 42.81 -11.98
C LEU C 176 2.31 43.73 -10.80
N ASN C 177 1.84 44.94 -11.11
CA ASN C 177 1.47 45.92 -10.08
C ASN C 177 0.13 46.56 -10.40
N LEU C 178 -0.85 46.34 -9.52
CA LEU C 178 -2.21 46.85 -9.71
C LEU C 178 -2.63 47.75 -8.55
N SER C 179 -1.67 48.45 -7.97
CA SER C 179 -1.92 49.30 -6.81
C SER C 179 -2.64 50.60 -7.15
N ASN C 180 -3.44 51.10 -6.21
CA ASN C 180 -4.12 52.39 -6.36
C ASN C 180 -5.03 52.45 -7.57
N ASN C 181 -5.75 51.35 -7.82
CA ASN C 181 -6.67 51.26 -8.94
C ASN C 181 -8.13 51.16 -8.49
N ARG C 182 -8.34 51.12 -7.17
CA ARG C 182 -9.68 51.17 -6.58
C ARG C 182 -10.59 50.05 -7.08
N LEU C 183 -10.12 48.81 -6.98
CA LEU C 183 -10.92 47.65 -7.37
C LEU C 183 -11.73 47.15 -6.16
N TYR C 184 -13.05 47.15 -6.31
CA TYR C 184 -13.92 46.68 -5.23
C TYR C 184 -14.01 45.16 -5.22
N ARG C 185 -13.92 44.56 -6.41
CA ARG C 185 -14.10 43.12 -6.57
C ARG C 185 -12.99 42.54 -7.46
N LEU C 186 -12.55 41.33 -7.14
CA LEU C 186 -11.39 40.72 -7.80
C LEU C 186 -11.73 39.58 -8.76
N ASP C 187 -13.01 39.32 -8.97
CA ASP C 187 -13.42 38.21 -9.84
C ASP C 187 -13.11 38.51 -11.31
N ASP C 188 -13.21 39.79 -11.68
CA ASP C 188 -13.05 40.21 -13.07
C ASP C 188 -11.68 39.84 -13.64
N MET C 189 -10.70 39.62 -12.76
CA MET C 189 -9.36 39.24 -13.19
C MET C 189 -9.06 37.78 -12.87
N SER C 190 -10.10 37.02 -12.51
CA SER C 190 -9.94 35.63 -12.11
C SER C 190 -9.32 34.78 -13.21
N SER C 191 -9.39 35.26 -14.44
CA SER C 191 -8.82 34.57 -15.59
C SER C 191 -7.28 34.67 -15.61
N ILE C 192 -6.74 35.55 -14.78
CA ILE C 192 -5.32 35.89 -14.76
C ILE C 192 -4.41 34.65 -14.70
N VAL C 193 -4.92 33.57 -14.12
CA VAL C 193 -4.17 32.34 -14.00
C VAL C 193 -3.76 31.78 -15.37
N GLN C 194 -4.68 31.87 -16.34
CA GLN C 194 -4.41 31.38 -17.68
C GLN C 194 -3.62 32.41 -18.49
N LYS C 195 -4.00 33.67 -18.30
CA LYS C 195 -3.42 34.78 -19.05
C LYS C 195 -1.93 34.95 -18.74
N ALA C 196 -1.58 34.80 -17.46
CA ALA C 196 -0.20 34.98 -17.02
C ALA C 196 0.20 33.89 -16.02
N PRO C 197 0.45 32.67 -16.53
CA PRO C 197 0.77 31.54 -15.66
C PRO C 197 2.12 31.70 -14.98
N ASN C 198 3.08 32.31 -15.68
CA ASN C 198 4.42 32.46 -15.15
C ASN C 198 4.47 33.44 -13.98
N LEU C 199 3.44 34.25 -13.85
CA LEU C 199 3.38 35.29 -12.83
C LEU C 199 3.62 34.75 -11.43
N LYS C 200 4.59 35.33 -10.74
CA LYS C 200 4.96 34.92 -9.39
C LYS C 200 4.92 36.06 -8.38
N ILE C 201 4.65 37.27 -8.85
CA ILE C 201 4.61 38.45 -7.97
C ILE C 201 3.46 39.37 -8.34
N LEU C 202 2.64 39.69 -7.35
CA LEU C 202 1.46 40.53 -7.54
C LEU C 202 1.32 41.55 -6.40
N ASN C 203 0.98 42.79 -6.76
CA ASN C 203 0.80 43.87 -5.78
C ASN C 203 -0.58 44.50 -5.91
N LEU C 204 -1.38 44.42 -4.85
CA LEU C 204 -2.75 44.94 -4.84
C LEU C 204 -2.94 46.03 -3.80
N SER C 205 -1.85 46.69 -3.40
CA SER C 205 -1.89 47.65 -2.31
C SER C 205 -2.69 48.92 -2.64
N GLY C 206 -3.37 49.45 -1.62
CA GLY C 206 -4.04 50.73 -1.74
C GLY C 206 -5.44 50.72 -2.33
N ASN C 207 -6.02 49.54 -2.46
CA ASN C 207 -7.34 49.40 -3.09
C ASN C 207 -8.46 49.34 -2.05
N GLU C 208 -9.70 49.21 -2.52
CA GLU C 208 -10.85 49.39 -1.65
C GLU C 208 -11.45 48.08 -1.11
N LEU C 209 -10.94 46.95 -1.55
CA LEU C 209 -11.48 45.66 -1.08
C LEU C 209 -11.31 45.46 0.43
N LYS C 210 -12.41 45.13 1.09
CA LYS C 210 -12.44 45.04 2.56
C LYS C 210 -12.31 43.62 3.10
N SER C 211 -12.40 42.61 2.23
CA SER C 211 -12.42 41.22 2.69
C SER C 211 -11.44 40.31 1.97
N GLU C 212 -11.05 39.25 2.67
CA GLU C 212 -10.09 38.26 2.20
C GLU C 212 -10.69 37.37 1.12
N ARG C 213 -11.99 37.21 1.19
CA ARG C 213 -12.73 36.27 0.35
C ARG C 213 -12.42 36.52 -1.13
N GLU C 214 -12.20 37.78 -1.46
CA GLU C 214 -11.90 38.21 -2.81
C GLU C 214 -10.75 37.41 -3.44
N LEU C 215 -9.85 36.92 -2.59
CA LEU C 215 -8.69 36.18 -3.06
C LEU C 215 -9.01 34.77 -3.54
N ASP C 216 -10.13 34.21 -3.07
CA ASP C 216 -10.46 32.84 -3.42
C ASP C 216 -10.46 32.62 -4.93
N LYS C 217 -10.81 33.68 -5.66
CA LYS C 217 -10.89 33.64 -7.12
C LYS C 217 -9.52 33.74 -7.78
N ILE C 218 -8.54 34.24 -7.04
CA ILE C 218 -7.17 34.38 -7.54
C ILE C 218 -6.29 33.29 -6.94
N LYS C 219 -6.90 32.20 -6.52
CA LYS C 219 -6.22 31.18 -5.74
C LYS C 219 -5.30 30.35 -6.63
N GLY C 220 -5.76 30.06 -7.85
CA GLY C 220 -5.08 29.15 -8.74
C GLY C 220 -3.62 29.46 -8.98
N LEU C 221 -3.33 30.69 -9.42
CA LEU C 221 -1.97 31.09 -9.69
C LEU C 221 -1.12 30.95 -8.43
N LYS C 222 0.19 30.72 -8.62
CA LYS C 222 1.10 30.63 -7.49
C LYS C 222 1.98 31.86 -7.51
N LEU C 223 2.11 32.50 -6.34
CA LEU C 223 2.96 33.67 -6.20
C LEU C 223 4.04 33.39 -5.17
N GLU C 224 5.22 33.94 -5.41
CA GLU C 224 6.29 33.90 -4.43
C GLU C 224 6.10 35.05 -3.45
N GLU C 225 5.73 36.22 -3.99
CA GLU C 225 5.57 37.43 -3.20
C GLU C 225 4.24 38.13 -3.49
N LEU C 226 3.59 38.63 -2.45
CA LEU C 226 2.32 39.33 -2.55
C LEU C 226 2.29 40.59 -1.67
N TRP C 227 1.52 41.58 -2.09
CA TRP C 227 1.32 42.81 -1.30
C TRP C 227 -0.16 43.16 -1.19
N LEU C 228 -0.68 43.14 0.04
CA LEU C 228 -2.06 43.53 0.30
C LEU C 228 -2.11 44.73 1.26
N ASP C 229 -0.95 45.35 1.47
CA ASP C 229 -0.81 46.47 2.38
C ASP C 229 -1.67 47.66 1.97
N GLY C 230 -2.23 48.36 2.97
CA GLY C 230 -2.96 49.59 2.72
C GLY C 230 -4.43 49.41 2.42
N ASN C 231 -4.86 48.16 2.23
CA ASN C 231 -6.26 47.87 1.97
C ASN C 231 -7.07 47.83 3.27
N SER C 232 -8.38 48.01 3.14
CA SER C 232 -9.27 48.08 4.29
C SER C 232 -9.36 46.75 5.03
N LEU C 233 -9.03 45.66 4.35
CA LEU C 233 -9.16 44.32 4.93
C LEU C 233 -8.13 44.05 6.01
N CYS C 234 -6.94 44.62 5.87
CA CYS C 234 -5.85 44.39 6.81
C CYS C 234 -6.19 44.87 8.22
N ASP C 235 -7.10 45.85 8.29
CA ASP C 235 -7.44 46.47 9.56
C ASP C 235 -8.29 45.56 10.46
N THR C 236 -9.05 44.65 9.85
CA THR C 236 -10.00 43.85 10.61
C THR C 236 -9.26 42.78 11.45
N PHE C 237 -8.16 42.27 10.93
CA PHE C 237 -7.39 41.23 11.63
C PHE C 237 -6.70 41.79 12.86
N ARG C 238 -6.84 41.09 13.99
CA ARG C 238 -6.23 41.51 15.24
C ARG C 238 -4.72 41.28 15.25
N ASP C 239 -4.31 40.04 14.99
CA ASP C 239 -2.90 39.65 15.04
C ASP C 239 -2.43 39.15 13.66
N GLN C 240 -1.13 39.28 13.41
CA GLN C 240 -0.58 38.91 12.10
C GLN C 240 -0.65 37.41 11.82
N SER C 241 -0.77 36.61 12.88
CA SER C 241 -0.88 35.16 12.72
C SER C 241 -2.13 34.81 11.91
N THR C 242 -3.25 35.43 12.27
CA THR C 242 -4.51 35.23 11.57
C THR C 242 -4.40 35.66 10.12
N TYR C 243 -3.79 36.82 9.94
CA TYR C 243 -3.54 37.38 8.61
C TYR C 243 -2.76 36.39 7.75
N ILE C 244 -1.57 36.03 8.21
CA ILE C 244 -0.70 35.13 7.49
C ILE C 244 -1.36 33.78 7.21
N SER C 245 -2.04 33.20 8.19
CA SER C 245 -2.72 31.93 7.95
C SER C 245 -3.80 32.09 6.87
N ALA C 246 -4.60 33.15 7.02
CA ALA C 246 -5.68 33.44 6.08
C ALA C 246 -5.16 33.60 4.65
N ILE C 247 -4.05 34.32 4.49
CA ILE C 247 -3.44 34.47 3.18
C ILE C 247 -2.77 33.16 2.72
N ARG C 248 -2.17 32.43 3.65
CA ARG C 248 -1.47 31.19 3.28
C ARG C 248 -2.42 30.14 2.74
N GLU C 249 -3.63 30.09 3.30
CA GLU C 249 -4.64 29.16 2.78
C GLU C 249 -4.81 29.31 1.26
N ARG C 250 -4.80 30.55 0.77
CA ARG C 250 -4.95 30.79 -0.68
C ARG C 250 -3.67 30.53 -1.45
N PHE C 251 -2.54 30.94 -0.88
CA PHE C 251 -1.23 30.81 -1.54
C PHE C 251 -0.25 30.12 -0.60
N PRO C 252 -0.35 28.79 -0.46
CA PRO C 252 0.57 28.06 0.41
C PRO C 252 2.03 28.26 0.05
N LYS C 253 2.31 28.71 -1.16
CA LYS C 253 3.67 28.76 -1.67
C LYS C 253 4.43 30.06 -1.40
N LEU C 254 3.72 31.19 -1.27
CA LEU C 254 4.40 32.49 -1.28
C LEU C 254 5.38 32.63 -0.12
N LEU C 255 6.51 33.25 -0.44
CA LEU C 255 7.60 33.44 0.51
C LEU C 255 7.50 34.77 1.24
N ARG C 256 7.02 35.79 0.55
CA ARG C 256 7.00 37.15 1.08
C ARG C 256 5.62 37.77 1.01
N LEU C 257 5.25 38.49 2.07
CA LEU C 257 3.99 39.21 2.13
C LEU C 257 4.20 40.57 2.76
N ASP C 258 3.82 41.61 2.03
CA ASP C 258 3.96 42.99 2.49
C ASP C 258 5.41 43.33 2.81
N GLY C 259 6.32 42.82 1.98
CA GLY C 259 7.73 43.13 2.09
C GLY C 259 8.44 42.40 3.21
N HIS C 260 7.70 41.57 3.93
CA HIS C 260 8.27 40.79 5.03
C HIS C 260 8.33 39.32 4.65
N GLU C 261 9.54 38.76 4.70
CA GLU C 261 9.71 37.35 4.42
C GLU C 261 8.94 36.57 5.48
N LEU C 262 8.45 35.41 5.09
CA LEU C 262 7.54 34.63 5.94
C LEU C 262 8.20 33.35 6.46
N PRO C 263 7.55 32.71 7.43
CA PRO C 263 7.99 31.37 7.87
C PRO C 263 7.96 30.39 6.70
N PRO C 264 8.81 29.34 6.73
CA PRO C 264 8.85 28.39 5.62
C PRO C 264 7.48 27.80 5.30
N PRO C 265 7.11 27.75 4.01
CA PRO C 265 5.85 27.11 3.60
C PRO C 265 5.77 25.65 4.06
N ILE C 266 4.56 25.15 4.30
CA ILE C 266 4.38 23.82 4.88
C ILE C 266 4.18 22.77 3.79
N ALA C 267 5.22 21.99 3.54
CA ALA C 267 5.18 20.94 2.54
C ALA C 267 6.02 19.74 2.96
N PHE C 268 5.49 18.54 2.70
CA PHE C 268 6.18 17.29 2.99
C PHE C 268 6.31 16.50 1.70
N ASP C 269 7.53 16.09 1.37
CA ASP C 269 7.80 15.43 0.10
C ASP C 269 7.95 13.93 0.32
N VAL C 270 6.89 13.19 -0.04
CA VAL C 270 6.91 11.72 0.00
C VAL C 270 7.98 11.17 -0.94
N GLU C 271 8.27 11.93 -2.00
CA GLU C 271 9.28 11.57 -3.00
C GLU C 271 8.94 10.25 -3.70
N ALA C 272 7.68 10.15 -4.11
CA ALA C 272 7.21 9.03 -4.91
C ALA C 272 7.92 9.06 -6.28
N PRO C 273 8.12 7.86 -6.89
CA PRO C 273 8.77 7.80 -8.21
C PRO C 273 7.76 7.97 -9.34
N THR C 274 8.21 8.49 -10.48
CA THR C 274 7.33 8.65 -11.65
C THR C 274 7.97 8.17 -12.96
N THR C 275 9.24 7.79 -12.90
CA THR C 275 9.99 7.44 -14.11
C THR C 275 9.96 5.94 -14.40
N LEU C 276 9.46 5.57 -15.58
CA LEU C 276 9.41 4.18 -15.99
C LEU C 276 10.75 3.72 -16.53
N PRO C 277 11.03 2.41 -16.46
CA PRO C 277 12.30 1.92 -17.01
C PRO C 277 12.43 2.15 -18.51
N PRO C 278 13.66 2.23 -19.02
CA PRO C 278 13.83 2.40 -20.47
C PRO C 278 13.40 1.14 -21.23
N CYS C 279 12.51 1.30 -22.21
CA CYS C 279 12.03 0.17 -22.99
C CYS C 279 13.09 -0.32 -23.98
N LYS C 280 13.20 -1.64 -24.11
CA LYS C 280 14.11 -2.27 -25.06
C LYS C 280 13.31 -3.00 -26.11
N GLY C 281 13.91 -3.20 -27.26
CA GLY C 281 13.20 -3.86 -28.35
C GLY C 281 13.04 -5.34 -28.07
N SER C 282 14.14 -6.08 -28.10
CA SER C 282 14.07 -7.53 -27.99
C SER C 282 15.19 -8.09 -27.14
N TYR C 283 14.83 -9.08 -26.34
CA TYR C 283 15.77 -9.73 -25.42
C TYR C 283 15.89 -11.19 -25.79
N PHE C 284 17.11 -11.61 -26.14
CA PHE C 284 17.38 -13.00 -26.49
C PHE C 284 18.37 -13.64 -25.51
N GLY C 285 18.95 -12.84 -24.64
CA GLY C 285 19.99 -13.32 -23.74
C GLY C 285 21.24 -13.68 -24.52
N THR C 286 21.57 -14.97 -24.57
CA THR C 286 22.71 -15.43 -25.36
C THR C 286 22.37 -15.43 -26.84
N GLU C 287 23.39 -15.27 -27.68
CA GLU C 287 23.19 -15.18 -29.13
C GLU C 287 22.64 -16.51 -29.68
N ASN C 288 22.99 -17.61 -29.00
CA ASN C 288 22.50 -18.92 -29.38
C ASN C 288 20.98 -18.92 -29.48
N LEU C 289 20.36 -18.30 -28.48
CA LEU C 289 18.90 -18.21 -28.45
C LEU C 289 18.39 -17.29 -29.54
N LYS C 290 19.12 -16.22 -29.83
CA LYS C 290 18.73 -15.32 -30.91
C LYS C 290 18.67 -16.10 -32.21
N SER C 291 19.79 -16.73 -32.56
CA SER C 291 19.89 -17.51 -33.78
C SER C 291 18.83 -18.61 -33.82
N LEU C 292 18.79 -19.43 -32.77
CA LEU C 292 17.86 -20.55 -32.68
C LEU C 292 16.40 -20.13 -32.77
N VAL C 293 16.00 -19.23 -31.88
CA VAL C 293 14.63 -18.76 -31.83
C VAL C 293 14.24 -18.07 -33.14
N LEU C 294 15.05 -17.13 -33.59
CA LEU C 294 14.71 -16.42 -34.84
C LEU C 294 14.58 -17.40 -36.01
N HIS C 295 15.60 -18.24 -36.20
CA HIS C 295 15.57 -19.31 -37.20
C HIS C 295 14.26 -20.09 -37.12
N PHE C 296 13.95 -20.57 -35.91
CA PHE C 296 12.71 -21.28 -35.66
C PHE C 296 11.47 -20.49 -36.08
N LEU C 297 11.42 -19.19 -35.75
CA LEU C 297 10.30 -18.37 -36.17
C LEU C 297 10.23 -18.24 -37.69
N GLN C 298 11.38 -18.06 -38.34
CA GLN C 298 11.42 -17.99 -39.79
C GLN C 298 10.74 -19.25 -40.34
N GLN C 299 11.22 -20.41 -39.93
CA GLN C 299 10.66 -21.67 -40.41
C GLN C 299 9.17 -21.77 -40.09
N TYR C 300 8.84 -21.64 -38.82
CA TYR C 300 7.47 -21.76 -38.34
C TYR C 300 6.50 -20.88 -39.12
N TYR C 301 6.79 -19.58 -39.21
CA TYR C 301 5.86 -18.65 -39.85
C TYR C 301 5.96 -18.70 -41.38
N ALA C 302 7.08 -19.22 -41.89
CA ALA C 302 7.17 -19.55 -43.31
C ALA C 302 6.16 -20.64 -43.65
N ILE C 303 6.11 -21.67 -42.82
CA ILE C 303 5.08 -22.72 -42.97
C ILE C 303 3.67 -22.19 -42.68
N TYR C 304 3.55 -21.38 -41.62
CA TYR C 304 2.26 -20.83 -41.19
C TYR C 304 1.64 -19.94 -42.27
N ASP C 305 2.48 -19.14 -42.95
CA ASP C 305 2.00 -18.24 -43.99
C ASP C 305 1.70 -18.94 -45.33
N SER C 306 2.21 -20.15 -45.51
CA SER C 306 2.13 -20.85 -46.79
C SER C 306 0.70 -21.05 -47.30
N GLY C 307 -0.20 -21.41 -46.40
CA GLY C 307 -1.57 -21.74 -46.75
C GLY C 307 -1.92 -23.17 -46.36
N ASP C 308 -0.93 -24.06 -46.39
CA ASP C 308 -1.09 -25.42 -45.90
C ASP C 308 -0.26 -25.62 -44.64
N ARG C 309 -0.91 -25.55 -43.48
CA ARG C 309 -0.20 -25.46 -42.21
C ARG C 309 0.16 -26.82 -41.60
N GLN C 310 -0.13 -27.91 -42.30
CA GLN C 310 0.16 -29.23 -41.76
C GLN C 310 1.66 -29.43 -41.56
N GLY C 311 2.45 -28.62 -42.25
CA GLY C 311 3.89 -28.64 -42.07
C GLY C 311 4.24 -28.39 -40.62
N LEU C 312 3.31 -27.81 -39.87
CA LEU C 312 3.53 -27.48 -38.47
C LEU C 312 3.58 -28.73 -37.59
N LEU C 313 3.05 -29.85 -38.07
CA LEU C 313 2.97 -31.04 -37.23
C LEU C 313 4.34 -31.54 -36.77
N ASP C 314 5.38 -31.21 -37.52
CA ASP C 314 6.74 -31.60 -37.18
C ASP C 314 7.28 -30.73 -36.05
N ALA C 315 6.69 -29.55 -35.87
CA ALA C 315 7.12 -28.61 -34.84
C ALA C 315 6.50 -28.89 -33.47
N TYR C 316 5.22 -29.24 -33.46
CA TYR C 316 4.48 -29.46 -32.22
C TYR C 316 4.73 -30.83 -31.59
N HIS C 317 4.62 -30.88 -30.27
CA HIS C 317 4.76 -32.13 -29.52
C HIS C 317 3.45 -32.93 -29.56
N ASP C 318 3.52 -34.21 -29.22
CA ASP C 318 2.33 -35.07 -29.29
C ASP C 318 1.23 -34.59 -28.37
N GLY C 319 1.61 -34.16 -27.17
CA GLY C 319 0.65 -33.68 -26.18
C GLY C 319 0.50 -32.18 -26.16
N ALA C 320 0.89 -31.52 -27.26
CA ALA C 320 0.96 -30.07 -27.31
C ALA C 320 -0.40 -29.37 -27.14
N CYS C 321 -0.42 -28.31 -26.31
CA CYS C 321 -1.64 -27.53 -26.05
C CYS C 321 -1.60 -26.18 -26.76
N CYS C 322 -2.74 -25.74 -27.26
CA CYS C 322 -2.84 -24.47 -27.98
C CYS C 322 -4.11 -23.72 -27.58
N SER C 323 -4.04 -22.39 -27.45
CA SER C 323 -5.25 -21.60 -27.19
C SER C 323 -5.22 -20.18 -27.79
N LEU C 324 -6.40 -19.59 -27.93
CA LEU C 324 -6.56 -18.29 -28.59
C LEU C 324 -7.33 -17.32 -27.71
N SER C 325 -6.95 -16.04 -27.73
CA SER C 325 -7.64 -15.01 -26.96
C SER C 325 -7.70 -13.67 -27.69
N ILE C 326 -8.69 -12.87 -27.32
CA ILE C 326 -8.87 -11.52 -27.87
C ILE C 326 -9.38 -10.56 -26.77
N PRO C 327 -9.09 -9.25 -26.93
CA PRO C 327 -9.56 -8.24 -25.99
C PRO C 327 -11.06 -8.04 -26.05
N PHE C 328 -11.71 -7.85 -24.91
CA PHE C 328 -13.18 -7.78 -24.88
C PHE C 328 -13.74 -6.58 -25.63
N ILE C 329 -14.79 -6.84 -26.40
CA ILE C 329 -15.47 -5.82 -27.20
C ILE C 329 -16.85 -5.52 -26.62
N PRO C 330 -16.99 -4.41 -25.86
CA PRO C 330 -18.31 -4.08 -25.31
C PRO C 330 -19.18 -3.32 -26.31
N PRO C 333 -21.32 -8.73 -30.23
CA PRO C 333 -20.64 -9.11 -31.48
C PRO C 333 -20.47 -7.93 -32.42
N ALA C 334 -21.57 -7.41 -32.94
CA ALA C 334 -21.57 -6.26 -33.83
C ALA C 334 -20.73 -6.46 -35.10
N ARG C 335 -20.39 -7.72 -35.41
CA ARG C 335 -19.69 -8.04 -36.65
C ARG C 335 -18.34 -7.31 -36.74
N SER C 336 -17.75 -7.02 -35.58
CA SER C 336 -16.44 -6.39 -35.53
C SER C 336 -15.40 -7.27 -36.23
N SER C 337 -14.29 -6.65 -36.65
CA SER C 337 -13.25 -7.34 -37.41
C SER C 337 -12.76 -8.60 -36.71
N LEU C 338 -12.85 -8.62 -35.39
CA LEU C 338 -12.40 -9.77 -34.61
C LEU C 338 -13.41 -10.94 -34.67
N ALA C 339 -14.57 -10.69 -35.29
CA ALA C 339 -15.70 -11.63 -35.25
C ALA C 339 -15.38 -13.05 -35.77
N GLU C 340 -14.34 -13.20 -36.58
CA GLU C 340 -13.96 -14.52 -37.07
C GLU C 340 -13.25 -15.33 -35.99
N TYR C 341 -12.41 -14.67 -35.22
CA TYR C 341 -11.69 -15.29 -34.11
C TYR C 341 -12.62 -15.43 -32.90
N PHE C 342 -13.70 -14.67 -32.94
CA PHE C 342 -14.72 -14.59 -31.89
C PHE C 342 -15.29 -15.95 -31.45
N LYS C 343 -15.44 -16.88 -32.39
CA LYS C 343 -15.95 -18.22 -32.09
C LYS C 343 -15.00 -19.09 -31.27
N ASP C 344 -13.71 -18.74 -31.25
CA ASP C 344 -12.68 -19.58 -30.64
C ASP C 344 -12.01 -19.01 -29.39
N SER C 345 -12.18 -17.72 -29.15
CA SER C 345 -11.47 -17.06 -28.05
C SER C 345 -11.79 -17.69 -26.69
N ARG C 346 -10.78 -17.76 -25.84
CA ARG C 346 -10.89 -18.36 -24.51
C ARG C 346 -10.52 -17.38 -23.40
N ASN C 347 -11.49 -17.04 -22.55
CA ASN C 347 -11.26 -16.14 -21.43
C ASN C 347 -11.80 -16.72 -20.12
N VAL C 348 -10.89 -17.12 -19.25
CA VAL C 348 -11.25 -17.75 -17.98
C VAL C 348 -11.93 -16.77 -17.03
N LYS C 349 -11.64 -15.49 -17.20
CA LYS C 349 -12.25 -14.48 -16.35
C LYS C 349 -13.74 -14.38 -16.66
N LYS C 350 -14.06 -14.34 -17.95
CA LYS C 350 -15.44 -14.15 -18.42
C LYS C 350 -16.24 -15.45 -18.57
N LEU C 351 -15.57 -16.58 -18.77
CA LEU C 351 -16.24 -17.87 -18.92
C LEU C 351 -15.92 -18.83 -17.77
N LYS C 352 -16.92 -19.09 -16.93
CA LYS C 352 -16.72 -19.87 -15.71
C LYS C 352 -17.11 -21.35 -15.87
N ASP C 353 -17.67 -21.70 -17.01
CA ASP C 353 -18.12 -23.07 -17.24
C ASP C 353 -16.92 -23.95 -17.60
N PRO C 354 -16.72 -25.06 -16.85
CA PRO C 354 -15.50 -25.88 -17.00
C PRO C 354 -15.46 -26.74 -18.26
N THR C 355 -16.58 -27.42 -18.55
CA THR C 355 -16.63 -28.35 -19.67
C THR C 355 -16.29 -27.64 -20.98
N LEU C 356 -16.66 -26.37 -21.09
CA LEU C 356 -16.32 -25.58 -22.27
C LEU C 356 -14.85 -25.15 -22.27
N ARG C 357 -14.38 -24.76 -21.09
CA ARG C 357 -12.98 -24.37 -20.93
C ARG C 357 -12.08 -25.49 -21.40
N PHE C 358 -12.43 -26.73 -21.05
CA PHE C 358 -11.66 -27.89 -21.49
C PHE C 358 -11.52 -27.93 -23.00
N ARG C 359 -12.63 -27.69 -23.67
CA ARG C 359 -12.70 -27.86 -25.11
C ARG C 359 -12.10 -26.70 -25.90
N LEU C 360 -12.24 -25.48 -25.39
CA LEU C 360 -11.63 -24.32 -26.03
C LEU C 360 -10.11 -24.47 -26.03
N LEU C 361 -9.61 -25.39 -25.20
CA LEU C 361 -8.20 -25.78 -25.20
C LEU C 361 -8.04 -27.04 -26.06
N LYS C 362 -7.00 -27.09 -26.88
CA LYS C 362 -6.77 -28.22 -27.79
C LYS C 362 -5.64 -29.11 -27.28
N HIS C 363 -5.97 -30.33 -26.90
CA HIS C 363 -5.04 -31.18 -26.14
C HIS C 363 -3.88 -31.76 -26.95
N THR C 364 -4.16 -32.25 -28.16
CA THR C 364 -3.15 -32.99 -28.93
C THR C 364 -2.86 -32.36 -30.28
N ARG C 365 -1.67 -32.65 -30.82
CA ARG C 365 -1.14 -31.96 -32.01
C ARG C 365 -2.13 -32.00 -33.18
N LEU C 366 -2.81 -33.13 -33.33
CA LEU C 366 -3.77 -33.33 -34.40
C LEU C 366 -4.88 -32.29 -34.31
N ASN C 367 -5.50 -32.20 -33.14
CA ASN C 367 -6.57 -31.23 -32.91
C ASN C 367 -6.05 -29.81 -33.01
N VAL C 368 -4.80 -29.61 -32.60
CA VAL C 368 -4.19 -28.29 -32.62
C VAL C 368 -4.06 -27.77 -34.05
N VAL C 369 -3.44 -28.58 -34.90
CA VAL C 369 -3.24 -28.20 -36.29
C VAL C 369 -4.55 -28.23 -37.07
N ALA C 370 -5.42 -29.16 -36.73
CA ALA C 370 -6.76 -29.19 -37.29
C ALA C 370 -7.47 -27.86 -37.01
N PHE C 371 -7.32 -27.40 -35.77
CA PHE C 371 -7.87 -26.11 -35.37
C PHE C 371 -7.15 -24.96 -36.07
N LEU C 372 -5.82 -25.09 -36.20
CA LEU C 372 -5.03 -24.04 -36.83
C LEU C 372 -5.32 -23.89 -38.33
N ASN C 373 -5.65 -25.01 -38.99
CA ASN C 373 -5.99 -24.96 -40.41
C ASN C 373 -7.27 -24.19 -40.67
N GLU C 374 -8.15 -24.14 -39.69
CA GLU C 374 -9.42 -23.42 -39.80
C GLU C 374 -9.22 -21.90 -39.67
N LEU C 375 -8.14 -21.48 -39.03
CA LEU C 375 -7.83 -20.05 -38.93
C LEU C 375 -7.49 -19.51 -40.31
N PRO C 376 -7.86 -18.24 -40.59
CA PRO C 376 -7.64 -17.68 -41.93
C PRO C 376 -6.17 -17.61 -42.32
N LYS C 377 -5.92 -17.46 -43.62
CA LYS C 377 -4.55 -17.34 -44.13
C LYS C 377 -3.95 -16.02 -43.64
N THR C 378 -2.64 -16.02 -43.46
CA THR C 378 -1.97 -14.87 -42.86
C THR C 378 -0.67 -14.50 -43.57
N GLN C 379 -0.29 -13.23 -43.41
CA GLN C 379 0.99 -12.71 -43.88
C GLN C 379 1.62 -11.93 -42.73
N HIS C 380 2.77 -12.41 -42.28
CA HIS C 380 3.44 -11.88 -41.10
C HIS C 380 4.72 -11.13 -41.42
N ASP C 381 4.91 -9.98 -40.80
CA ASP C 381 6.17 -9.24 -40.90
C ASP C 381 7.16 -9.85 -39.92
N VAL C 382 7.89 -10.85 -40.37
CA VAL C 382 8.85 -11.55 -39.53
C VAL C 382 10.02 -10.63 -39.16
N ASN C 383 10.30 -9.65 -40.01
CA ASN C 383 11.36 -8.68 -39.74
C ASN C 383 11.04 -7.78 -38.55
N SER C 384 9.79 -7.32 -38.49
CA SER C 384 9.34 -6.39 -37.46
C SER C 384 9.05 -7.05 -36.11
N PHE C 385 9.06 -8.38 -36.08
CA PHE C 385 8.73 -9.14 -34.88
C PHE C 385 9.60 -8.77 -33.70
N VAL C 386 8.96 -8.72 -32.54
CA VAL C 386 9.62 -8.39 -31.27
C VAL C 386 9.60 -9.59 -30.34
N VAL C 387 10.79 -10.09 -30.02
CA VAL C 387 10.91 -11.34 -29.27
C VAL C 387 11.43 -11.11 -27.85
N ASP C 388 10.77 -11.72 -26.87
CA ASP C 388 11.23 -11.72 -25.49
C ASP C 388 11.36 -13.16 -24.98
N ILE C 389 12.50 -13.48 -24.37
CA ILE C 389 12.67 -14.81 -23.78
C ILE C 389 12.43 -14.75 -22.27
N SER C 390 11.23 -15.15 -21.88
CA SER C 390 10.80 -15.07 -20.49
C SER C 390 11.67 -15.94 -19.59
N ALA C 391 12.02 -17.14 -20.04
CA ALA C 391 12.78 -18.07 -19.22
C ALA C 391 13.50 -19.13 -20.03
N GLN C 392 14.59 -19.64 -19.49
CA GLN C 392 15.34 -20.72 -20.11
C GLN C 392 15.84 -21.70 -19.06
N THR C 393 15.60 -22.98 -19.30
CA THR C 393 16.09 -24.04 -18.43
C THR C 393 16.60 -25.17 -19.31
N SER C 394 17.33 -26.10 -18.71
CA SER C 394 17.78 -27.27 -19.43
C SER C 394 16.58 -28.03 -20.03
N THR C 395 15.48 -28.04 -19.28
CA THR C 395 14.31 -28.84 -19.65
C THR C 395 13.36 -28.13 -20.61
N LEU C 396 13.31 -26.79 -20.56
CA LEU C 396 12.37 -26.03 -21.38
C LEU C 396 12.86 -24.63 -21.75
N LEU C 397 12.19 -24.03 -22.72
CA LEU C 397 12.45 -22.66 -23.15
C LEU C 397 11.16 -21.93 -23.48
N CYS C 398 10.95 -20.77 -22.87
CA CYS C 398 9.75 -19.96 -23.11
C CYS C 398 10.08 -18.63 -23.75
N PHE C 399 9.25 -18.20 -24.70
CA PHE C 399 9.45 -16.90 -25.33
C PHE C 399 8.15 -16.33 -25.91
N SER C 400 8.12 -15.01 -26.05
CA SER C 400 6.95 -14.28 -26.49
C SER C 400 7.27 -13.48 -27.75
N VAL C 401 6.33 -13.49 -28.69
CA VAL C 401 6.48 -12.84 -29.98
C VAL C 401 5.39 -11.81 -30.21
N ASN C 402 5.78 -10.54 -30.26
CA ASN C 402 4.85 -9.45 -30.54
C ASN C 402 5.03 -8.93 -31.96
N GLY C 403 3.93 -8.87 -32.71
CA GLY C 403 3.99 -8.43 -34.09
C GLY C 403 2.63 -8.08 -34.68
N VAL C 404 2.56 -8.06 -36.01
CA VAL C 404 1.32 -7.78 -36.71
C VAL C 404 1.20 -8.68 -37.94
N PHE C 405 -0.04 -9.00 -38.34
CA PHE C 405 -0.25 -9.78 -39.54
C PHE C 405 -1.45 -9.30 -40.36
N LYS C 406 -1.38 -9.57 -41.65
CA LYS C 406 -2.44 -9.22 -42.60
C LYS C 406 -2.99 -10.50 -43.20
N GLU C 407 -4.30 -10.56 -43.34
CA GLU C 407 -4.97 -11.76 -43.85
C GLU C 407 -5.19 -11.64 -45.36
N VAL C 408 -5.31 -12.77 -46.04
CA VAL C 408 -5.32 -12.82 -47.51
C VAL C 408 -6.64 -13.32 -48.10
N ASP C 409 -7.55 -13.81 -47.24
CA ASP C 409 -8.78 -14.43 -47.72
C ASP C 409 -10.05 -13.84 -47.07
N GLY C 410 -11.09 -13.71 -47.90
CA GLY C 410 -12.39 -13.22 -47.46
C GLY C 410 -12.46 -11.71 -47.58
N LYS C 411 -13.57 -11.12 -47.12
CA LYS C 411 -13.69 -9.67 -47.06
C LYS C 411 -12.77 -9.09 -46.00
N SER C 412 -12.74 -9.76 -44.85
CA SER C 412 -11.96 -9.33 -43.69
C SER C 412 -10.45 -9.23 -43.98
N ARG C 413 -10.03 -9.86 -45.06
CA ARG C 413 -8.61 -9.95 -45.42
C ARG C 413 -7.90 -8.59 -45.44
N ASP C 414 -8.54 -7.58 -46.02
CA ASP C 414 -7.92 -6.27 -46.17
C ASP C 414 -7.63 -5.57 -44.83
N SER C 415 -8.04 -6.19 -43.73
CA SER C 415 -7.77 -5.63 -42.40
C SER C 415 -6.42 -6.11 -41.87
N LEU C 416 -5.82 -5.29 -41.00
CA LEU C 416 -4.52 -5.58 -40.40
C LEU C 416 -4.68 -5.80 -38.90
N ARG C 417 -4.15 -6.92 -38.40
CA ARG C 417 -4.29 -7.27 -36.98
C ARG C 417 -2.93 -7.26 -36.28
N ALA C 418 -2.94 -6.94 -35.00
CA ALA C 418 -1.75 -7.03 -34.15
C ALA C 418 -1.87 -8.24 -33.24
N PHE C 419 -0.74 -8.90 -32.95
CA PHE C 419 -0.75 -10.12 -32.17
C PHE C 419 0.42 -10.28 -31.21
N THR C 420 0.14 -10.97 -30.10
CA THR C 420 1.13 -11.38 -29.13
C THR C 420 1.01 -12.88 -28.93
N ARG C 421 2.08 -13.62 -29.23
CA ARG C 421 2.06 -15.07 -29.19
C ARG C 421 3.11 -15.62 -28.23
N THR C 422 2.67 -16.48 -27.30
CA THR C 422 3.58 -17.06 -26.31
C THR C 422 3.86 -18.53 -26.60
N PHE C 423 5.15 -18.89 -26.55
CA PHE C 423 5.60 -20.24 -26.86
C PHE C 423 6.42 -20.86 -25.73
N ILE C 424 6.11 -22.11 -25.40
CA ILE C 424 6.98 -22.94 -24.57
C ILE C 424 7.49 -24.12 -25.39
N ALA C 425 8.79 -24.37 -25.31
CA ALA C 425 9.45 -25.35 -26.16
C ALA C 425 10.42 -26.26 -25.39
N VAL C 426 10.35 -27.55 -25.69
CA VAL C 426 11.27 -28.55 -25.17
C VAL C 426 12.20 -28.95 -26.33
N PRO C 427 13.51 -29.14 -26.06
CA PRO C 427 14.42 -29.38 -27.17
C PRO C 427 14.12 -30.64 -27.99
N ALA C 428 14.41 -30.57 -29.29
CA ALA C 428 14.22 -31.69 -30.22
C ALA C 428 15.49 -31.95 -31.03
N SER C 429 15.47 -33.03 -31.80
CA SER C 429 16.63 -33.47 -32.57
C SER C 429 17.03 -32.47 -33.66
N ASN C 430 18.32 -32.48 -34.00
CA ASN C 430 18.88 -31.60 -35.02
C ASN C 430 18.77 -30.13 -34.65
N SER C 431 18.98 -29.84 -33.37
CA SER C 431 19.01 -28.47 -32.84
C SER C 431 17.64 -27.78 -32.94
N GLY C 432 16.62 -28.55 -33.32
CA GLY C 432 15.26 -28.03 -33.40
C GLY C 432 14.62 -27.98 -32.04
N LEU C 433 13.62 -27.12 -31.89
CA LEU C 433 12.85 -27.04 -30.64
C LEU C 433 11.39 -27.42 -30.91
N CYS C 434 10.81 -28.14 -29.96
CA CYS C 434 9.45 -28.65 -30.07
C CYS C 434 8.49 -27.97 -29.09
N ILE C 435 7.41 -27.40 -29.63
CA ILE C 435 6.48 -26.63 -28.83
C ILE C 435 5.57 -27.55 -27.99
N VAL C 436 5.48 -27.24 -26.70
CA VAL C 436 4.57 -27.98 -25.82
C VAL C 436 3.30 -27.15 -25.59
N ASN C 437 3.45 -25.83 -25.41
CA ASN C 437 2.31 -24.94 -25.24
C ASN C 437 2.34 -23.74 -26.18
N ASP C 438 1.17 -23.37 -26.69
CA ASP C 438 1.03 -22.26 -27.63
C ASP C 438 -0.18 -21.37 -27.32
N GLU C 439 0.06 -20.07 -27.13
CA GLU C 439 -1.00 -19.11 -26.83
C GLU C 439 -0.95 -17.92 -27.78
N LEU C 440 -2.08 -17.66 -28.44
CA LEU C 440 -2.18 -16.55 -29.38
C LEU C 440 -3.17 -15.46 -28.95
N PHE C 441 -2.67 -14.23 -28.79
CA PHE C 441 -3.53 -13.10 -28.46
C PHE C 441 -3.66 -12.17 -29.65
N VAL C 442 -4.88 -12.00 -30.14
CA VAL C 442 -5.11 -11.23 -31.36
C VAL C 442 -6.00 -10.00 -31.14
N ARG C 443 -5.58 -8.87 -31.70
CA ARG C 443 -6.37 -7.65 -31.65
C ARG C 443 -6.16 -6.87 -32.95
N ASN C 444 -7.09 -5.99 -33.29
CA ASN C 444 -6.89 -5.12 -34.44
C ASN C 444 -5.72 -4.19 -34.12
N ALA C 445 -4.86 -3.96 -35.10
CA ALA C 445 -3.62 -3.22 -34.87
C ALA C 445 -3.87 -1.73 -34.70
N SER C 446 -3.01 -1.10 -33.90
CA SER C 446 -3.08 0.33 -33.64
C SER C 446 -2.60 1.10 -34.85
N SER C 447 -3.04 2.35 -34.97
CA SER C 447 -2.68 3.19 -36.11
C SER C 447 -1.16 3.29 -36.26
N GLU C 448 -0.47 3.52 -35.15
CA GLU C 448 0.99 3.61 -35.16
C GLU C 448 1.60 2.31 -35.67
N GLU C 449 0.96 1.18 -35.35
CA GLU C 449 1.40 -0.13 -35.81
C GLU C 449 1.07 -0.33 -37.30
N ILE C 450 -0.08 0.19 -37.72
CA ILE C 450 -0.47 0.11 -39.13
C ILE C 450 0.48 0.92 -40.01
N GLN C 451 0.84 2.12 -39.57
CA GLN C 451 1.75 2.98 -40.34
C GLN C 451 3.10 2.33 -40.60
N ARG C 452 3.63 1.64 -39.59
CA ARG C 452 4.95 1.02 -39.67
C ARG C 452 4.82 -0.47 -39.98
N ALA C 453 3.76 -0.81 -40.70
CA ALA C 453 3.41 -2.22 -40.95
C ALA C 453 4.46 -2.93 -41.78
N PHE C 454 4.89 -2.32 -42.87
CA PHE C 454 5.86 -2.94 -43.77
C PHE C 454 6.92 -1.95 -44.21
N ALA C 455 8.16 -2.45 -44.33
CA ALA C 455 9.29 -1.63 -44.77
C ALA C 455 9.71 -1.98 -46.18
N SER D 2 -2.53 -41.85 -13.83
CA SER D 2 -2.86 -41.80 -12.41
C SER D 2 -3.90 -40.72 -12.14
N VAL D 3 -3.80 -39.60 -12.85
CA VAL D 3 -4.74 -38.50 -12.70
C VAL D 3 -5.20 -37.99 -14.07
N ASP D 4 -6.48 -37.62 -14.15
CA ASP D 4 -7.10 -37.22 -15.41
C ASP D 4 -6.48 -35.93 -15.94
N PHE D 5 -6.65 -35.70 -17.25
CA PHE D 5 -6.10 -34.52 -17.91
C PHE D 5 -6.97 -33.28 -17.64
N LYS D 6 -8.28 -33.47 -17.70
CA LYS D 6 -9.22 -32.37 -17.48
C LYS D 6 -9.05 -31.74 -16.10
N THR D 7 -8.65 -32.57 -15.14
CA THR D 7 -8.37 -32.10 -13.79
C THR D 7 -7.26 -31.04 -13.81
N TYR D 8 -6.23 -31.26 -14.62
CA TYR D 8 -5.13 -30.31 -14.73
C TYR D 8 -5.62 -28.99 -15.30
N VAL D 9 -6.48 -29.06 -16.31
CA VAL D 9 -7.07 -27.87 -16.88
C VAL D 9 -7.88 -27.10 -15.84
N ASP D 10 -8.79 -27.79 -15.15
CA ASP D 10 -9.61 -27.15 -14.13
C ASP D 10 -8.75 -26.53 -13.01
N GLN D 11 -7.83 -27.32 -12.49
CA GLN D 11 -6.93 -26.84 -11.44
C GLN D 11 -6.12 -25.65 -11.92
N ALA D 12 -5.65 -25.71 -13.15
CA ALA D 12 -4.90 -24.60 -13.74
C ALA D 12 -5.75 -23.35 -13.78
N CYS D 13 -7.00 -23.47 -14.25
CA CYS D 13 -7.91 -22.32 -14.26
C CYS D 13 -8.05 -21.72 -12.87
N ARG D 14 -8.39 -22.56 -11.90
CA ARG D 14 -8.54 -22.08 -10.52
C ARG D 14 -7.25 -21.36 -10.09
N ALA D 15 -6.11 -22.00 -10.34
CA ALA D 15 -4.80 -21.43 -10.01
C ALA D 15 -4.62 -20.05 -10.61
N ALA D 16 -4.86 -19.93 -11.91
CA ALA D 16 -4.70 -18.65 -12.60
C ALA D 16 -5.62 -17.58 -12.02
N GLU D 17 -6.90 -17.89 -11.92
CA GLU D 17 -7.87 -16.88 -11.45
C GLU D 17 -7.53 -16.44 -10.01
N GLU D 18 -7.06 -17.34 -9.16
CA GLU D 18 -6.61 -16.93 -7.83
C GLU D 18 -5.33 -16.07 -7.90
N PHE D 19 -4.36 -16.56 -8.68
CA PHE D 19 -3.07 -15.88 -8.82
C PHE D 19 -3.18 -14.46 -9.32
N VAL D 20 -4.02 -14.24 -10.32
CA VAL D 20 -4.23 -12.91 -10.86
C VAL D 20 -4.57 -11.98 -9.70
N ASN D 21 -5.58 -12.39 -8.93
CA ASN D 21 -6.01 -11.64 -7.76
C ASN D 21 -4.84 -11.38 -6.82
N VAL D 22 -4.18 -12.45 -6.37
CA VAL D 22 -3.04 -12.29 -5.46
C VAL D 22 -1.99 -11.31 -5.99
N TYR D 23 -1.41 -11.63 -7.14
CA TYR D 23 -0.31 -10.85 -7.72
C TYR D 23 -0.67 -9.40 -7.97
N TYR D 24 -1.79 -9.16 -8.64
CA TYR D 24 -2.14 -7.79 -9.00
C TYR D 24 -2.63 -6.98 -7.80
N THR D 25 -3.38 -7.62 -6.90
CA THR D 25 -3.77 -6.93 -5.66
C THR D 25 -2.51 -6.58 -4.88
N THR D 26 -1.60 -7.53 -4.76
CA THR D 26 -0.34 -7.29 -4.07
C THR D 26 0.50 -6.21 -4.75
N MET D 27 0.56 -6.23 -6.08
CA MET D 27 1.31 -5.22 -6.80
C MET D 27 0.73 -3.82 -6.59
N ASP D 28 -0.59 -3.73 -6.60
CA ASP D 28 -1.25 -2.45 -6.36
C ASP D 28 -1.10 -1.97 -4.91
N LYS D 29 -1.46 -2.83 -3.96
CA LYS D 29 -1.54 -2.46 -2.55
C LYS D 29 -0.22 -2.61 -1.80
N ARG D 30 0.45 -3.76 -1.98
CA ARG D 30 1.64 -4.08 -1.18
C ARG D 30 2.86 -4.39 -2.02
N ARG D 31 3.29 -3.40 -2.80
CA ARG D 31 4.43 -3.53 -3.72
C ARG D 31 5.64 -4.22 -3.10
N ARG D 32 5.83 -3.99 -1.81
CA ARG D 32 6.98 -4.48 -1.08
C ARG D 32 7.00 -6.01 -1.04
N LEU D 33 5.82 -6.59 -0.89
CA LEU D 33 5.68 -8.03 -0.70
C LEU D 33 5.59 -8.81 -2.01
N LEU D 34 5.30 -8.08 -3.10
CA LEU D 34 5.16 -8.68 -4.42
C LEU D 34 6.33 -9.57 -4.77
N SER D 35 7.54 -9.04 -4.58
CA SER D 35 8.76 -9.72 -4.96
C SER D 35 8.86 -11.14 -4.39
N ARG D 36 8.33 -11.35 -3.19
CA ARG D 36 8.44 -12.64 -2.52
C ARG D 36 7.73 -13.79 -3.25
N LEU D 37 6.82 -13.44 -4.17
CA LEU D 37 6.10 -14.45 -4.93
C LEU D 37 7.08 -15.13 -5.89
N TYR D 38 7.97 -14.34 -6.45
CA TYR D 38 8.94 -14.86 -7.41
C TYR D 38 9.93 -15.76 -6.68
N MET D 39 10.24 -16.91 -7.27
CA MET D 39 11.35 -17.73 -6.80
C MET D 39 12.64 -17.04 -7.20
N GLY D 40 13.75 -17.47 -6.62
CA GLY D 40 15.04 -16.86 -6.87
C GLY D 40 15.52 -17.06 -8.29
N THR D 41 15.26 -18.25 -8.83
CA THR D 41 15.71 -18.62 -10.16
C THR D 41 14.96 -17.83 -11.23
N ALA D 42 13.80 -17.32 -10.85
CA ALA D 42 12.89 -16.66 -11.80
C ALA D 42 13.54 -15.51 -12.54
N THR D 43 13.12 -15.33 -13.79
CA THR D 43 13.61 -14.26 -14.64
C THR D 43 12.46 -13.36 -15.10
N LEU D 44 12.71 -12.05 -15.06
CA LEU D 44 11.69 -11.07 -15.44
C LEU D 44 12.13 -10.25 -16.65
N VAL D 45 11.28 -10.20 -17.68
CA VAL D 45 11.52 -9.36 -18.85
C VAL D 45 10.51 -8.23 -18.92
N TRP D 46 10.92 -7.06 -18.45
CA TRP D 46 10.04 -5.89 -18.41
C TRP D 46 10.40 -4.96 -19.57
N ASN D 47 9.55 -4.97 -20.62
CA ASN D 47 9.78 -4.22 -21.83
C ASN D 47 11.21 -4.40 -22.37
N GLY D 48 11.68 -5.64 -22.34
CA GLY D 48 12.99 -5.97 -22.87
C GLY D 48 14.13 -5.78 -21.89
N ASN D 49 13.82 -5.36 -20.67
CA ASN D 49 14.81 -5.26 -19.61
C ASN D 49 14.76 -6.51 -18.73
N ALA D 50 15.92 -7.16 -18.58
CA ALA D 50 16.00 -8.43 -17.86
C ALA D 50 16.33 -8.23 -16.36
N VAL D 51 15.60 -8.94 -15.50
CA VAL D 51 15.84 -8.92 -14.07
C VAL D 51 15.89 -10.34 -13.50
N SER D 52 17.02 -10.69 -12.88
CA SER D 52 17.24 -12.03 -12.34
C SER D 52 17.68 -11.98 -10.88
N GLY D 53 17.08 -12.84 -10.06
CA GLY D 53 17.40 -12.90 -8.65
C GLY D 53 16.44 -12.09 -7.82
N GLN D 54 16.07 -12.63 -6.66
CA GLN D 54 15.11 -12.00 -5.77
C GLN D 54 15.46 -10.54 -5.45
N GLU D 55 16.73 -10.29 -5.18
CA GLU D 55 17.20 -8.96 -4.81
C GLU D 55 16.91 -7.94 -5.92
N SER D 56 17.37 -8.24 -7.13
CA SER D 56 17.18 -7.36 -8.27
C SER D 56 15.68 -7.18 -8.56
N LEU D 57 14.91 -8.24 -8.37
CA LEU D 57 13.46 -8.18 -8.54
C LEU D 57 12.84 -7.21 -7.54
N SER D 58 13.23 -7.35 -6.28
CA SER D 58 12.73 -6.48 -5.21
C SER D 58 13.09 -5.01 -5.46
N GLU D 59 14.36 -4.75 -5.76
CA GLU D 59 14.78 -3.38 -6.06
C GLU D 59 14.06 -2.83 -7.27
N PHE D 60 14.01 -3.63 -8.33
CA PHE D 60 13.33 -3.25 -9.56
C PHE D 60 11.86 -2.91 -9.27
N PHE D 61 11.20 -3.73 -8.47
CA PHE D 61 9.80 -3.49 -8.14
C PHE D 61 9.61 -2.28 -7.21
N GLU D 62 10.56 -2.06 -6.31
CA GLU D 62 10.54 -0.87 -5.46
C GLU D 62 10.71 0.40 -6.29
N MET D 63 11.57 0.31 -7.30
CA MET D 63 11.84 1.42 -8.21
C MET D 63 10.61 1.89 -9.00
N LEU D 64 9.70 0.98 -9.32
CA LEU D 64 8.59 1.31 -10.19
C LEU D 64 7.54 2.18 -9.48
N PRO D 65 6.83 3.05 -10.24
CA PRO D 65 5.72 3.84 -9.72
C PRO D 65 4.56 3.02 -9.16
N SER D 66 3.71 3.66 -8.37
CA SER D 66 2.52 3.01 -7.82
C SER D 66 1.57 2.72 -8.96
N SER D 67 0.84 1.61 -8.85
CA SER D 67 0.03 1.10 -9.94
C SER D 67 -1.41 0.79 -9.54
N GLU D 68 -2.31 0.85 -10.52
CA GLU D 68 -3.69 0.42 -10.36
C GLU D 68 -4.17 -0.34 -11.60
N PHE D 69 -3.81 -1.63 -11.64
CA PHE D 69 -4.14 -2.49 -12.78
C PHE D 69 -5.65 -2.75 -12.87
N GLN D 70 -6.15 -2.83 -14.10
CA GLN D 70 -7.51 -3.26 -14.37
C GLN D 70 -7.48 -4.31 -15.48
N ILE D 71 -7.92 -5.52 -15.17
CA ILE D 71 -7.74 -6.66 -16.06
C ILE D 71 -8.90 -6.91 -17.01
N SER D 72 -8.59 -6.89 -18.30
CA SER D 72 -9.58 -7.12 -19.35
C SER D 72 -9.82 -8.61 -19.57
N VAL D 73 -8.76 -9.35 -19.89
CA VAL D 73 -8.91 -10.77 -20.22
C VAL D 73 -7.75 -11.60 -19.68
N VAL D 74 -8.06 -12.85 -19.33
CA VAL D 74 -7.09 -13.78 -18.77
C VAL D 74 -7.26 -15.15 -19.43
N ASP D 75 -6.16 -15.89 -19.58
CA ASP D 75 -6.20 -17.24 -20.14
C ASP D 75 -5.08 -18.09 -19.53
N CYS D 76 -5.27 -19.41 -19.51
CA CYS D 76 -4.32 -20.30 -18.86
C CYS D 76 -4.24 -21.67 -19.53
N GLN D 77 -3.09 -22.34 -19.39
CA GLN D 77 -2.91 -23.70 -19.89
C GLN D 77 -1.99 -24.51 -18.98
N PRO D 78 -2.33 -25.79 -18.72
CA PRO D 78 -1.35 -26.62 -18.03
C PRO D 78 -0.16 -26.96 -18.92
N VAL D 79 1.01 -27.18 -18.31
CA VAL D 79 2.24 -27.40 -19.07
C VAL D 79 2.67 -28.86 -19.02
N HIS D 80 3.17 -29.36 -20.15
CA HIS D 80 3.59 -30.74 -20.29
C HIS D 80 4.67 -31.08 -19.27
N ASP D 81 4.59 -32.28 -18.71
CA ASP D 81 5.50 -32.70 -17.65
C ASP D 81 6.93 -32.81 -18.14
N GLU D 82 7.09 -33.07 -19.44
CA GLU D 82 8.42 -33.22 -20.03
C GLU D 82 9.24 -31.95 -19.85
N ALA D 83 8.57 -30.80 -19.84
CA ALA D 83 9.23 -29.52 -19.67
C ALA D 83 9.69 -29.31 -18.23
N THR D 84 8.93 -29.85 -17.27
CA THR D 84 9.29 -29.79 -15.86
C THR D 84 8.94 -31.10 -15.16
N PRO D 85 9.78 -32.13 -15.35
CA PRO D 85 9.50 -33.48 -14.84
C PRO D 85 9.19 -33.53 -13.35
N SER D 86 8.13 -34.26 -12.99
CA SER D 86 7.74 -34.48 -11.60
C SER D 86 7.35 -33.19 -10.88
N GLN D 87 7.15 -32.12 -11.65
CA GLN D 87 6.78 -30.82 -11.09
C GLN D 87 5.55 -30.25 -11.77
N THR D 88 4.53 -29.95 -10.96
CA THR D 88 3.31 -29.36 -11.47
C THR D 88 3.53 -27.90 -11.83
N THR D 89 3.24 -27.53 -13.08
CA THR D 89 3.41 -26.14 -13.51
C THR D 89 2.30 -25.72 -14.48
N VAL D 90 2.13 -24.41 -14.61
CA VAL D 90 1.04 -23.83 -15.39
C VAL D 90 1.47 -22.54 -16.08
N LEU D 91 0.89 -22.27 -17.25
CA LEU D 91 1.14 -21.02 -17.94
C LEU D 91 -0.11 -20.16 -17.92
N VAL D 92 0.08 -18.88 -17.61
CA VAL D 92 -1.03 -17.92 -17.56
C VAL D 92 -0.67 -16.72 -18.43
N VAL D 93 -1.62 -16.24 -19.22
CA VAL D 93 -1.45 -15.00 -19.95
C VAL D 93 -2.59 -14.03 -19.61
N ILE D 94 -2.24 -12.76 -19.56
CA ILE D 94 -3.17 -11.72 -19.17
C ILE D 94 -3.01 -10.52 -20.08
N CYS D 95 -4.15 -9.93 -20.44
CA CYS D 95 -4.15 -8.64 -21.11
C CYS D 95 -5.07 -7.73 -20.33
N GLY D 96 -4.61 -6.49 -20.13
CA GLY D 96 -5.39 -5.53 -19.39
C GLY D 96 -4.92 -4.11 -19.62
N SER D 97 -5.37 -3.22 -18.74
CA SER D 97 -4.90 -1.84 -18.72
C SER D 97 -4.16 -1.58 -17.42
N VAL D 98 -3.15 -0.70 -17.47
CA VAL D 98 -2.39 -0.34 -16.28
C VAL D 98 -2.12 1.16 -16.24
N LYS D 99 -2.16 1.70 -15.02
CA LYS D 99 -1.91 3.11 -14.77
C LYS D 99 -0.79 3.31 -13.75
N PHE D 100 0.38 3.71 -14.23
CA PHE D 100 1.50 4.01 -13.34
C PHE D 100 1.47 5.48 -12.92
N GLU D 101 2.02 5.78 -11.75
CA GLU D 101 2.04 7.13 -11.21
C GLU D 101 2.79 8.11 -12.11
N GLY D 102 2.09 9.17 -12.54
CA GLY D 102 2.70 10.21 -13.35
C GLY D 102 2.83 9.83 -14.81
N ASN D 103 2.35 8.64 -15.16
CA ASN D 103 2.38 8.14 -16.54
C ASN D 103 0.97 7.84 -17.01
N LYS D 104 0.71 8.10 -18.30
CA LYS D 104 -0.62 7.87 -18.85
C LYS D 104 -0.97 6.38 -18.86
N GLN D 105 -2.26 6.08 -18.75
CA GLN D 105 -2.76 4.70 -18.76
C GLN D 105 -2.38 4.00 -20.06
N ARG D 106 -1.95 2.74 -19.96
CA ARG D 106 -1.58 1.97 -21.15
C ARG D 106 -2.07 0.54 -21.06
N ASP D 107 -2.44 -0.03 -22.20
CA ASP D 107 -2.82 -1.43 -22.29
C ASP D 107 -1.58 -2.31 -22.28
N PHE D 108 -1.71 -3.51 -21.74
CA PHE D 108 -0.56 -4.37 -21.51
C PHE D 108 -0.89 -5.84 -21.65
N ASN D 109 0.12 -6.57 -22.14
CA ASN D 109 0.08 -8.02 -22.25
C ASN D 109 1.19 -8.63 -21.42
N GLN D 110 0.86 -9.62 -20.60
CA GLN D 110 1.82 -10.24 -19.69
C GLN D 110 1.58 -11.73 -19.54
N ASN D 111 2.66 -12.50 -19.49
CA ASN D 111 2.55 -13.94 -19.26
C ASN D 111 3.43 -14.43 -18.11
N PHE D 112 2.88 -15.37 -17.34
CA PHE D 112 3.55 -15.95 -16.18
C PHE D 112 3.65 -17.46 -16.31
N ILE D 113 4.76 -18.01 -15.82
CA ILE D 113 4.89 -19.46 -15.62
C ILE D 113 4.92 -19.75 -14.12
N LEU D 114 3.93 -20.52 -13.67
CA LEU D 114 3.74 -20.83 -12.26
C LEU D 114 4.13 -22.27 -11.98
N THR D 115 5.02 -22.50 -11.02
CA THR D 115 5.40 -23.85 -10.63
C THR D 115 5.01 -24.12 -9.18
N ALA D 116 4.38 -25.27 -8.96
CA ALA D 116 4.02 -25.69 -7.61
C ALA D 116 5.24 -26.28 -6.89
N GLN D 117 5.54 -25.73 -5.72
CA GLN D 117 6.66 -26.19 -4.90
C GLN D 117 6.14 -26.79 -3.60
N ALA D 118 6.56 -28.01 -3.33
CA ALA D 118 6.06 -28.77 -2.18
C ALA D 118 7.09 -28.82 -1.05
N SER D 119 6.68 -28.38 0.12
CA SER D 119 7.47 -28.51 1.34
C SER D 119 6.70 -29.42 2.29
N PRO D 120 7.42 -30.15 3.16
CA PRO D 120 6.75 -31.11 4.07
C PRO D 120 5.60 -30.52 4.89
N SER D 121 5.76 -29.28 5.33
CA SER D 121 4.73 -28.62 6.13
C SER D 121 3.56 -28.17 5.27
N ASN D 122 3.88 -27.48 4.16
CA ASN D 122 2.85 -26.90 3.30
C ASN D 122 3.35 -26.80 1.86
N THR D 123 2.43 -26.67 0.92
CA THR D 123 2.77 -26.55 -0.50
C THR D 123 2.35 -25.21 -1.07
N VAL D 124 3.26 -24.56 -1.80
CA VAL D 124 3.02 -23.22 -2.33
C VAL D 124 3.56 -23.05 -3.74
N TRP D 125 2.93 -22.15 -4.48
CA TRP D 125 3.28 -21.90 -5.87
C TRP D 125 4.17 -20.67 -6.03
N LYS D 126 5.19 -20.79 -6.88
CA LYS D 126 6.08 -19.67 -7.16
C LYS D 126 6.17 -19.38 -8.66
N ILE D 127 6.38 -18.11 -8.99
CA ILE D 127 6.53 -17.65 -10.36
C ILE D 127 7.91 -17.98 -10.92
N ALA D 128 7.95 -18.93 -11.86
CA ALA D 128 9.20 -19.34 -12.50
C ALA D 128 9.63 -18.39 -13.62
N SER D 129 8.74 -17.51 -14.06
CA SER D 129 9.10 -16.54 -15.10
C SER D 129 8.09 -15.39 -15.21
N ASP D 130 8.55 -14.25 -15.69
CA ASP D 130 7.66 -13.14 -15.99
C ASP D 130 8.10 -12.40 -17.25
N CYS D 131 7.13 -12.03 -18.08
CA CYS D 131 7.36 -11.18 -19.23
C CYS D 131 6.25 -10.15 -19.37
N PHE D 132 6.59 -8.88 -19.23
CA PHE D 132 5.62 -7.80 -19.32
C PHE D 132 5.98 -6.88 -20.48
N ARG D 133 4.99 -6.49 -21.25
CA ARG D 133 5.21 -5.54 -22.33
C ARG D 133 3.96 -4.72 -22.64
N PHE D 134 4.18 -3.49 -23.07
CA PHE D 134 3.10 -2.60 -23.48
C PHE D 134 2.68 -2.88 -24.91
N GLN D 135 1.39 -2.74 -25.19
CA GLN D 135 0.88 -2.86 -26.55
C GLN D 135 1.57 -1.84 -27.46
N ASP D 136 1.75 -0.64 -26.93
CA ASP D 136 2.37 0.46 -27.65
C ASP D 136 3.60 0.95 -26.90
N TRP D 137 4.65 0.13 -26.89
CA TRP D 137 5.85 0.47 -26.14
C TRP D 137 6.72 1.45 -26.92
N ALA D 138 6.45 1.57 -28.22
CA ALA D 138 7.26 2.42 -29.09
C ALA D 138 7.13 3.90 -28.75
N SER D 139 5.91 4.32 -28.41
CA SER D 139 5.65 5.72 -28.09
C SER D 139 6.29 6.13 -26.77
#